data_283D
# 
_entry.id   283D 
# 
_audit_conform.dict_name       mmcif_pdbx.dic 
_audit_conform.dict_version    5.389 
_audit_conform.dict_location   http://mmcif.pdb.org/dictionaries/ascii/mmcif_pdbx.dic 
# 
loop_
_database_2.database_id 
_database_2.database_code 
_database_2.pdbx_database_accession 
_database_2.pdbx_DOI 
PDB   283D         pdb_0000283d 10.2210/pdb283d/pdb 
RCSB  URL051       ?            ?                   
WWPDB D_1000177695 ?            ?                   
# 
loop_
_pdbx_audit_revision_history.ordinal 
_pdbx_audit_revision_history.data_content_type 
_pdbx_audit_revision_history.major_revision 
_pdbx_audit_revision_history.minor_revision 
_pdbx_audit_revision_history.revision_date 
1 'Structure model' 1 0 1996-09-30 
2 'Structure model' 1 1 2008-05-22 
3 'Structure model' 1 2 2011-07-13 
4 'Structure model' 1 3 2024-02-14 
5 'Structure model' 1 4 2024-04-03 
# 
_pdbx_audit_revision_details.ordinal             1 
_pdbx_audit_revision_details.revision_ordinal    1 
_pdbx_audit_revision_details.data_content_type   'Structure model' 
_pdbx_audit_revision_details.provider            repository 
_pdbx_audit_revision_details.type                'Initial release' 
_pdbx_audit_revision_details.description         ? 
_pdbx_audit_revision_details.details             ? 
# 
loop_
_pdbx_audit_revision_group.ordinal 
_pdbx_audit_revision_group.revision_ordinal 
_pdbx_audit_revision_group.data_content_type 
_pdbx_audit_revision_group.group 
1 2 'Structure model' 'Version format compliance' 
2 3 'Structure model' 'Version format compliance' 
3 4 'Structure model' 'Data collection'           
4 4 'Structure model' 'Database references'       
5 4 'Structure model' 'Derived calculations'      
6 5 'Structure model' 'Refinement description'    
# 
loop_
_pdbx_audit_revision_category.ordinal 
_pdbx_audit_revision_category.revision_ordinal 
_pdbx_audit_revision_category.data_content_type 
_pdbx_audit_revision_category.category 
1 4 'Structure model' chem_comp_atom                
2 4 'Structure model' chem_comp_bond                
3 4 'Structure model' database_2                    
4 4 'Structure model' struct_conn                   
5 4 'Structure model' struct_site                   
6 5 'Structure model' pdbx_initial_refinement_model 
# 
loop_
_pdbx_audit_revision_item.ordinal 
_pdbx_audit_revision_item.revision_ordinal 
_pdbx_audit_revision_item.data_content_type 
_pdbx_audit_revision_item.item 
1  4 'Structure model' '_database_2.pdbx_DOI'                
2  4 'Structure model' '_database_2.pdbx_database_accession' 
3  4 'Structure model' '_struct_conn.ptnr1_auth_comp_id'     
4  4 'Structure model' '_struct_conn.ptnr1_auth_seq_id'      
5  4 'Structure model' '_struct_conn.ptnr1_label_asym_id'    
6  4 'Structure model' '_struct_conn.ptnr1_label_atom_id'    
7  4 'Structure model' '_struct_conn.ptnr1_label_comp_id'    
8  4 'Structure model' '_struct_conn.ptnr1_label_seq_id'     
9  4 'Structure model' '_struct_conn.ptnr2_auth_comp_id'     
10 4 'Structure model' '_struct_conn.ptnr2_auth_seq_id'      
11 4 'Structure model' '_struct_conn.ptnr2_label_asym_id'    
12 4 'Structure model' '_struct_conn.ptnr2_label_atom_id'    
13 4 'Structure model' '_struct_conn.ptnr2_label_comp_id'    
14 4 'Structure model' '_struct_conn.ptnr2_label_seq_id'     
15 4 'Structure model' '_struct_site.pdbx_auth_asym_id'      
16 4 'Structure model' '_struct_site.pdbx_auth_comp_id'      
17 4 'Structure model' '_struct_site.pdbx_auth_seq_id'       
# 
_pdbx_database_status.status_code                     REL 
_pdbx_database_status.entry_id                        283D 
_pdbx_database_status.recvd_initial_deposition_date   1996-09-03 
_pdbx_database_status.deposit_site                    NDB 
_pdbx_database_status.process_site                    NDB 
_pdbx_database_status.SG_entry                        . 
_pdbx_database_status.pdb_format_compatible           Y 
_pdbx_database_status.status_code_mr                  ? 
_pdbx_database_status.status_code_sf                  ? 
_pdbx_database_status.status_code_cs                  ? 
_pdbx_database_status.status_code_nmr_data            ? 
_pdbx_database_status.methods_development_category    ? 
# 
loop_
_audit_author.name 
_audit_author.pdbx_ordinal 
'Baeyens, K.J.'  1 
'De Bondt, H.L.' 2 
'Pardi, A.'      3 
'Holbrook, S.R.' 4 
# 
_citation.id                        primary 
_citation.title                     
'A curved RNA helix incorporating an internal loop with G.A and A.A non-Watson-Crick base pairing.' 
_citation.journal_abbrev            Proc.Natl.Acad.Sci.USA 
_citation.journal_volume            93 
_citation.page_first                12851 
_citation.page_last                 12855 
_citation.year                      1996 
_citation.journal_id_ASTM           PNASA6 
_citation.country                   US 
_citation.journal_id_ISSN           0027-8424 
_citation.journal_id_CSD            0040 
_citation.book_publisher            ? 
_citation.pdbx_database_id_PubMed   8917508 
_citation.pdbx_database_id_DOI      10.1073/pnas.93.23.12851 
# 
loop_
_citation_author.citation_id 
_citation_author.name 
_citation_author.ordinal 
_citation_author.identifier_ORCID 
primary 'Baeyens, K.J.'  1 ? 
primary 'De Bondt, H.L.' 2 ? 
primary 'Pardi, A.'      3 ? 
primary 'Holbrook, S.R.' 4 ? 
# 
loop_
_entity.id 
_entity.type 
_entity.src_method 
_entity.pdbx_description 
_entity.formula_weight 
_entity.pdbx_number_of_molecules 
_entity.pdbx_ec 
_entity.pdbx_mutation 
_entity.pdbx_fragment 
_entity.details 
1 polymer     man 
;RNA (5'-R(*GP*GP*CP*CP*GP*AP*AP*AP*GP*GP*CP*C)-3')
;
3889.416 1  ? ? ? ? 
2 non-polymer syn 'MANGANESE (II) ION'                                 54.938   1  ? ? ? ? 
3 water       nat water                                                18.015   18 ? ? ? ? 
# 
_entity_poly.entity_id                      1 
_entity_poly.type                           polyribonucleotide 
_entity_poly.nstd_linkage                   no 
_entity_poly.nstd_monomer                   no 
_entity_poly.pdbx_seq_one_letter_code       GGCCGAAAGGCC 
_entity_poly.pdbx_seq_one_letter_code_can   GGCCGAAAGGCC 
_entity_poly.pdbx_strand_id                 A 
_entity_poly.pdbx_target_identifier         ? 
# 
loop_
_pdbx_entity_nonpoly.entity_id 
_pdbx_entity_nonpoly.name 
_pdbx_entity_nonpoly.comp_id 
2 'MANGANESE (II) ION' MN  
3 water                HOH 
# 
loop_
_entity_poly_seq.entity_id 
_entity_poly_seq.num 
_entity_poly_seq.mon_id 
_entity_poly_seq.hetero 
1 1  G n 
1 2  G n 
1 3  C n 
1 4  C n 
1 5  G n 
1 6  A n 
1 7  A n 
1 8  A n 
1 9  G n 
1 10 G n 
1 11 C n 
1 12 C n 
# 
_entity_src_gen.entity_id                          1 
_entity_src_gen.pdbx_src_id                        1 
_entity_src_gen.pdbx_alt_source_flag               sample 
_entity_src_gen.pdbx_seq_type                      ? 
_entity_src_gen.pdbx_beg_seq_num                   ? 
_entity_src_gen.pdbx_end_seq_num                   ? 
_entity_src_gen.gene_src_common_name               ? 
_entity_src_gen.gene_src_genus                     ? 
_entity_src_gen.pdbx_gene_src_gene                 ? 
_entity_src_gen.gene_src_species                   ? 
_entity_src_gen.gene_src_strain                    ? 
_entity_src_gen.gene_src_tissue                    ? 
_entity_src_gen.gene_src_tissue_fraction           ? 
_entity_src_gen.gene_src_details                   ? 
_entity_src_gen.pdbx_gene_src_fragment             ? 
_entity_src_gen.pdbx_gene_src_scientific_name      ? 
_entity_src_gen.pdbx_gene_src_ncbi_taxonomy_id     ? 
_entity_src_gen.pdbx_gene_src_variant              ? 
_entity_src_gen.pdbx_gene_src_cell_line            ? 
_entity_src_gen.pdbx_gene_src_atcc                 ? 
_entity_src_gen.pdbx_gene_src_organ                ? 
_entity_src_gen.pdbx_gene_src_organelle            ? 
_entity_src_gen.pdbx_gene_src_cell                 ? 
_entity_src_gen.pdbx_gene_src_cellular_location    ? 
_entity_src_gen.host_org_common_name               ? 
_entity_src_gen.pdbx_host_org_scientific_name      'Escherichia coli BL21' 
_entity_src_gen.pdbx_host_org_ncbi_taxonomy_id     511693 
_entity_src_gen.host_org_genus                     Escherichia 
_entity_src_gen.pdbx_host_org_gene                 ? 
_entity_src_gen.pdbx_host_org_organ                ? 
_entity_src_gen.host_org_species                   'Escherichia coli' 
_entity_src_gen.pdbx_host_org_tissue               ? 
_entity_src_gen.pdbx_host_org_tissue_fraction      ? 
_entity_src_gen.pdbx_host_org_strain               BL21 
_entity_src_gen.pdbx_host_org_variant              ? 
_entity_src_gen.pdbx_host_org_cell_line            ? 
_entity_src_gen.pdbx_host_org_atcc                 ? 
_entity_src_gen.pdbx_host_org_culture_collection   ? 
_entity_src_gen.pdbx_host_org_cell                 ? 
_entity_src_gen.pdbx_host_org_organelle            ? 
_entity_src_gen.pdbx_host_org_cellular_location    ? 
_entity_src_gen.pdbx_host_org_vector_type          ? 
_entity_src_gen.pdbx_host_org_vector               ? 
_entity_src_gen.host_org_details                   ? 
_entity_src_gen.expression_system_id               ? 
_entity_src_gen.plasmid_name                       PAR1219 
_entity_src_gen.plasmid_details                    ? 
_entity_src_gen.pdbx_description                   
'THE DODECAMER WAS PREPARED BY TRANSCRIPTION WITH T7 RNA POLYMERASE FROM A SINGLE STRANDED DNA TEMPLATE.' 
# 
loop_
_chem_comp.id 
_chem_comp.type 
_chem_comp.mon_nstd_flag 
_chem_comp.name 
_chem_comp.pdbx_synonyms 
_chem_comp.formula 
_chem_comp.formula_weight 
A   'RNA linking' y "ADENOSINE-5'-MONOPHOSPHATE" ? 'C10 H14 N5 O7 P' 347.221 
C   'RNA linking' y "CYTIDINE-5'-MONOPHOSPHATE"  ? 'C9 H14 N3 O8 P'  323.197 
G   'RNA linking' y "GUANOSINE-5'-MONOPHOSPHATE" ? 'C10 H14 N5 O8 P' 363.221 
HOH non-polymer   . WATER                        ? 'H2 O'            18.015  
MN  non-polymer   . 'MANGANESE (II) ION'         ? 'Mn 2'            54.938  
# 
loop_
_pdbx_poly_seq_scheme.asym_id 
_pdbx_poly_seq_scheme.entity_id 
_pdbx_poly_seq_scheme.seq_id 
_pdbx_poly_seq_scheme.mon_id 
_pdbx_poly_seq_scheme.ndb_seq_num 
_pdbx_poly_seq_scheme.pdb_seq_num 
_pdbx_poly_seq_scheme.auth_seq_num 
_pdbx_poly_seq_scheme.pdb_mon_id 
_pdbx_poly_seq_scheme.auth_mon_id 
_pdbx_poly_seq_scheme.pdb_strand_id 
_pdbx_poly_seq_scheme.pdb_ins_code 
_pdbx_poly_seq_scheme.hetero 
A 1 1  G 1  1  1  G G A . n 
A 1 2  G 2  2  2  G G A . n 
A 1 3  C 3  3  3  C C A . n 
A 1 4  C 4  4  4  C C A . n 
A 1 5  G 5  5  5  G G A . n 
A 1 6  A 6  6  6  A A A . n 
A 1 7  A 7  7  7  A A A . n 
A 1 8  A 8  8  8  A A A . n 
A 1 9  G 9  9  9  G G A . n 
A 1 10 G 10 10 10 G G A . n 
A 1 11 C 11 11 11 C C A . n 
A 1 12 C 12 12 12 C C A . n 
# 
loop_
_pdbx_nonpoly_scheme.asym_id 
_pdbx_nonpoly_scheme.entity_id 
_pdbx_nonpoly_scheme.mon_id 
_pdbx_nonpoly_scheme.ndb_seq_num 
_pdbx_nonpoly_scheme.pdb_seq_num 
_pdbx_nonpoly_scheme.auth_seq_num 
_pdbx_nonpoly_scheme.pdb_mon_id 
_pdbx_nonpoly_scheme.auth_mon_id 
_pdbx_nonpoly_scheme.pdb_strand_id 
_pdbx_nonpoly_scheme.pdb_ins_code 
B 2 MN  1  13 13 MN  MN  A . 
C 3 HOH 1  14 14 HOH HOH A . 
C 3 HOH 2  15 15 HOH HOH A . 
C 3 HOH 3  16 16 HOH HOH A . 
C 3 HOH 4  17 17 HOH HOH A . 
C 3 HOH 5  18 18 HOH HOH A . 
C 3 HOH 6  19 19 HOH HOH A . 
C 3 HOH 7  20 20 HOH HOH A . 
C 3 HOH 8  21 21 HOH HOH A . 
C 3 HOH 9  22 22 HOH HOH A . 
C 3 HOH 10 23 23 HOH HOH A . 
C 3 HOH 11 24 24 HOH HOH A . 
C 3 HOH 12 25 25 HOH HOH A . 
C 3 HOH 13 26 26 HOH HOH A . 
C 3 HOH 14 27 27 HOH HOH A . 
C 3 HOH 15 28 28 HOH HOH A . 
C 3 HOH 16 29 29 HOH HOH A . 
C 3 HOH 17 30 30 HOH HOH A . 
C 3 HOH 18 31 31 HOH HOH A . 
# 
loop_
_software.name 
_software.classification 
_software.version 
_software.citation_id 
_software.pdbx_ordinal 
X-PLOR refinement       . ? 1 
R-AXIS 'data reduction' . ? 2 
AMoRE  phasing          . ? 3 
# 
_cell.entry_id           283D 
_cell.length_a           37.710 
_cell.length_b           37.710 
_cell.length_c           88.300 
_cell.angle_alpha        90.00 
_cell.angle_beta         90.00 
_cell.angle_gamma        120.00 
_cell.Z_PDB              12 
_cell.pdbx_unique_axis   ? 
# 
_symmetry.entry_id                         283D 
_symmetry.space_group_name_H-M             'P 65 2 2' 
_symmetry.pdbx_full_space_group_name_H-M   ? 
_symmetry.cell_setting                     ? 
_symmetry.Int_Tables_number                179 
# 
_exptl.entry_id          283D 
_exptl.method            'X-RAY DIFFRACTION' 
_exptl.crystals_number   1 
# 
_exptl_crystal.id                    1 
_exptl_crystal.density_meas          ? 
_exptl_crystal.density_Matthews      2.33 
_exptl_crystal.density_percent_sol   51.2000 
_exptl_crystal.description           ? 
# 
_exptl_crystal_grow.crystal_id      1 
_exptl_crystal_grow.method          'VAPOR DIFFUSION, HANGING DROP' 
_exptl_crystal_grow.temp            ? 
_exptl_crystal_grow.temp_details    'ROOM TEMPERATURE' 
_exptl_crystal_grow.pH              7.50 
_exptl_crystal_grow.pdbx_details    'pH 7.50, VAPOR DIFFUSION, HANGING DROP' 
_exptl_crystal_grow.pdbx_pH_range   ? 
# 
loop_
_exptl_crystal_grow_comp.crystal_id 
_exptl_crystal_grow_comp.id 
_exptl_crystal_grow_comp.sol_id 
_exptl_crystal_grow_comp.name 
_exptl_crystal_grow_comp.volume 
_exptl_crystal_grow_comp.conc 
_exptl_crystal_grow_comp.details 
1 1 1 WATER                ? ? ? 
1 2 1 'PEG 400'            ? ? ? 
1 3 1 NACL                 ? ? ? 
1 4 1 MNCL2                ? ? ? 
1 5 1 BIS-TRIS-PROPANE_HCL ? ? ? 
# 
_diffrn.id                     1 
_diffrn.crystal_id             1 
_diffrn.ambient_temp           ? 
_diffrn.ambient_temp_details   ? 
# 
_diffrn_detector.diffrn_id              1 
_diffrn_detector.detector               'IMAGE PLATE' 
_diffrn_detector.type                   MARRESEARCH 
_diffrn_detector.pdbx_collection_date   1992-10-10 
_diffrn_detector.details                ? 
# 
_diffrn_radiation.diffrn_id                        1 
_diffrn_radiation.wavelength_id                    1 
_diffrn_radiation.pdbx_monochromatic_or_laue_m_l   M 
_diffrn_radiation.monochromator                    ? 
_diffrn_radiation.pdbx_diffrn_protocol             ? 
_diffrn_radiation.pdbx_scattering_type             x-ray 
# 
_diffrn_radiation_wavelength.id           1 
_diffrn_radiation_wavelength.wavelength   . 
_diffrn_radiation_wavelength.wt           1.0 
# 
_diffrn_source.diffrn_id                   1 
_diffrn_source.source                      SYNCHROTRON 
_diffrn_source.type                        'SSRL BEAMLINE BL7-1' 
_diffrn_source.pdbx_synchrotron_site       SSRL 
_diffrn_source.pdbx_synchrotron_beamline   BL7-1 
_diffrn_source.pdbx_wavelength             ? 
_diffrn_source.pdbx_wavelength_list        ? 
# 
_reflns.entry_id                     283D 
_reflns.observed_criterion_sigma_I   0.000 
_reflns.observed_criterion_sigma_F   ? 
_reflns.d_resolution_low             25.000 
_reflns.d_resolution_high            2.300 
_reflns.number_obs                   1811 
_reflns.number_all                   ? 
_reflns.percent_possible_obs         94.300 
_reflns.pdbx_Rmerge_I_obs            0.0745000 
_reflns.pdbx_Rsym_value              ? 
_reflns.pdbx_netI_over_sigmaI        2.800 
_reflns.B_iso_Wilson_estimate        ? 
_reflns.pdbx_redundancy              2.850 
_reflns.pdbx_diffrn_id               1 
_reflns.pdbx_ordinal                 1 
# 
_refine.entry_id                                 283D 
_refine.ls_number_reflns_obs                     1502 
_refine.ls_number_reflns_all                     ? 
_refine.pdbx_ls_sigma_I                          ? 
_refine.pdbx_ls_sigma_F                          3.000 
_refine.pdbx_data_cutoff_high_absF               ? 
_refine.pdbx_data_cutoff_low_absF                ? 
_refine.pdbx_data_cutoff_high_rms_absF           ? 
_refine.ls_d_res_low                             8.000 
_refine.ls_d_res_high                            2.300 
_refine.ls_percent_reflns_obs                    ? 
_refine.ls_R_factor_obs                          0.1860000 
_refine.ls_R_factor_all                          ? 
_refine.ls_R_factor_R_work                       0.1860000 
_refine.ls_R_factor_R_free                       0.1980000 
_refine.ls_R_factor_R_free_error                 ? 
_refine.ls_R_factor_R_free_error_details         ? 
_refine.ls_percent_reflns_R_free                 10.00 
_refine.ls_number_reflns_R_free                  138 
_refine.ls_number_parameters                     ? 
_refine.ls_number_restraints                     22 
_refine.occupancy_min                            ? 
_refine.occupancy_max                            ? 
_refine.B_iso_mean                               23.64 
_refine.aniso_B[1][1]                            ? 
_refine.aniso_B[2][2]                            ? 
_refine.aniso_B[3][3]                            ? 
_refine.aniso_B[1][2]                            ? 
_refine.aniso_B[1][3]                            ? 
_refine.aniso_B[2][3]                            ? 
_refine.solvent_model_details                    ? 
_refine.solvent_model_param_ksol                 ? 
_refine.solvent_model_param_bsol                 ? 
_refine.pdbx_ls_cross_valid_method               FREE-R 
_refine.details                                  ? 
_refine.pdbx_starting_model                      'STANDARD A-FORM DUPLEX AND ARL048' 
_refine.pdbx_method_to_determine_struct          'MOLECULAR REPLACEMENT' 
_refine.pdbx_isotropic_thermal_model             ? 
_refine.pdbx_stereochemistry_target_values       ? 
_refine.pdbx_stereochem_target_val_spec_case     ? 
_refine.pdbx_R_Free_selection_details            RANDOM 
_refine.pdbx_overall_ESU_R                       ? 
_refine.pdbx_overall_ESU_R_Free                  ? 
_refine.overall_SU_ML                            ? 
_refine.overall_SU_B                             ? 
_refine.pdbx_refine_id                           'X-RAY DIFFRACTION' 
_refine.pdbx_diffrn_id                           1 
_refine.pdbx_TLS_residual_ADP_flag               ? 
_refine.correlation_coeff_Fo_to_Fc               ? 
_refine.correlation_coeff_Fo_to_Fc_free          ? 
_refine.pdbx_solvent_vdw_probe_radii             ? 
_refine.pdbx_solvent_ion_probe_radii             ? 
_refine.pdbx_solvent_shrinkage_radii             ? 
_refine.pdbx_overall_phase_error                 ? 
_refine.overall_SU_R_Cruickshank_DPI             ? 
_refine.pdbx_overall_SU_R_free_Cruickshank_DPI   ? 
_refine.pdbx_overall_SU_R_Blow_DPI               ? 
_refine.pdbx_overall_SU_R_free_Blow_DPI          ? 
# 
_refine_analyze.entry_id                        283D 
_refine_analyze.Luzzati_coordinate_error_obs    0.30 
_refine_analyze.Luzzati_sigma_a_obs             ? 
_refine_analyze.Luzzati_d_res_low_obs           ? 
_refine_analyze.Luzzati_coordinate_error_free   ? 
_refine_analyze.Luzzati_sigma_a_free            ? 
_refine_analyze.Luzzati_d_res_low_free          ? 
_refine_analyze.number_disordered_residues      ? 
_refine_analyze.occupancy_sum_hydrogen          ? 
_refine_analyze.occupancy_sum_non_hydrogen      ? 
_refine_analyze.pdbx_refine_id                  'X-RAY DIFFRACTION' 
# 
_refine_hist.pdbx_refine_id                   'X-RAY DIFFRACTION' 
_refine_hist.cycle_id                         LAST 
_refine_hist.pdbx_number_atoms_protein        0 
_refine_hist.pdbx_number_atoms_nucleic_acid   258 
_refine_hist.pdbx_number_atoms_ligand         1 
_refine_hist.number_atoms_solvent             18 
_refine_hist.number_atoms_total               277 
_refine_hist.d_res_high                       2.300 
_refine_hist.d_res_low                        8.000 
# 
loop_
_refine_ls_restr.type 
_refine_ls_restr.dev_ideal 
_refine_ls_restr.dev_ideal_target 
_refine_ls_restr.weight 
_refine_ls_restr.number 
_refine_ls_restr.pdbx_refine_id 
_refine_ls_restr.pdbx_restraint_function 
x_bond_d                0.020 ? ? ? 'X-RAY DIFFRACTION' ? 
x_bond_d_na             ?     ? ? ? 'X-RAY DIFFRACTION' ? 
x_bond_d_prot           ?     ? ? ? 'X-RAY DIFFRACTION' ? 
x_angle_d               ?     ? ? ? 'X-RAY DIFFRACTION' ? 
x_angle_d_na            ?     ? ? ? 'X-RAY DIFFRACTION' ? 
x_angle_d_prot          ?     ? ? ? 'X-RAY DIFFRACTION' ? 
x_angle_deg             1.15  ? ? ? 'X-RAY DIFFRACTION' ? 
x_angle_deg_na          ?     ? ? ? 'X-RAY DIFFRACTION' ? 
x_angle_deg_prot        ?     ? ? ? 'X-RAY DIFFRACTION' ? 
x_dihedral_angle_d      ?     ? ? ? 'X-RAY DIFFRACTION' ? 
x_dihedral_angle_d_na   ?     ? ? ? 'X-RAY DIFFRACTION' ? 
x_dihedral_angle_d_prot ?     ? ? ? 'X-RAY DIFFRACTION' ? 
x_improper_angle_d      ?     ? ? ? 'X-RAY DIFFRACTION' ? 
x_improper_angle_d_na   ?     ? ? ? 'X-RAY DIFFRACTION' ? 
x_improper_angle_d_prot ?     ? ? ? 'X-RAY DIFFRACTION' ? 
x_mcbond_it             1.300 ? ? ? 'X-RAY DIFFRACTION' ? 
x_mcangle_it            1.700 ? ? ? 'X-RAY DIFFRACTION' ? 
x_scbond_it             ?     ? ? ? 'X-RAY DIFFRACTION' ? 
x_scangle_it            ?     ? ? ? 'X-RAY DIFFRACTION' ? 
# 
_struct.entry_id                  283D 
_struct.title                     
'A CURVED RNA HELIX INCORPORATING AN INTERNAL LOOP WITH G-A AND A-A NON-WATSON-CRICK BASE PAIRING' 
_struct.pdbx_model_details        ? 
_struct.pdbx_CASP_flag            ? 
_struct.pdbx_model_type_details   ? 
# 
_struct_keywords.entry_id        283D 
_struct_keywords.pdbx_keywords   RNA 
_struct_keywords.text            'UNUSUAL RNA, DOUBLE HELIX, CURVED, INTERNAL LOOP, MISMATCHED, RNA' 
# 
loop_
_struct_asym.id 
_struct_asym.pdbx_blank_PDB_chainid_flag 
_struct_asym.pdbx_modified 
_struct_asym.entity_id 
_struct_asym.details 
A N N 1 ? 
B N N 2 ? 
C N N 3 ? 
# 
_struct_ref.id                         1 
_struct_ref.entity_id                  1 
_struct_ref.db_name                    PDB 
_struct_ref.db_code                    283D 
_struct_ref.pdbx_db_accession          283D 
_struct_ref.pdbx_db_isoform            ? 
_struct_ref.pdbx_seq_one_letter_code   ? 
_struct_ref.pdbx_align_begin           ? 
# 
_struct_ref_seq.align_id                      1 
_struct_ref_seq.ref_id                        1 
_struct_ref_seq.pdbx_PDB_id_code              283D 
_struct_ref_seq.pdbx_strand_id                A 
_struct_ref_seq.seq_align_beg                 1 
_struct_ref_seq.pdbx_seq_align_beg_ins_code   ? 
_struct_ref_seq.seq_align_end                 12 
_struct_ref_seq.pdbx_seq_align_end_ins_code   ? 
_struct_ref_seq.pdbx_db_accession             283D 
_struct_ref_seq.db_align_beg                  1 
_struct_ref_seq.pdbx_db_align_beg_ins_code    ? 
_struct_ref_seq.db_align_end                  12 
_struct_ref_seq.pdbx_db_align_end_ins_code    ? 
_struct_ref_seq.pdbx_auth_seq_align_beg       1 
_struct_ref_seq.pdbx_auth_seq_align_end       12 
# 
_pdbx_struct_assembly.id                   1 
_pdbx_struct_assembly.details              author_defined_assembly 
_pdbx_struct_assembly.method_details       ? 
_pdbx_struct_assembly.oligomeric_details   dimeric 
_pdbx_struct_assembly.oligomeric_count     2 
# 
_pdbx_struct_assembly_gen.assembly_id       1 
_pdbx_struct_assembly_gen.oper_expression   1,2 
_pdbx_struct_assembly_gen.asym_id_list      A,B,C 
# 
loop_
_pdbx_struct_oper_list.id 
_pdbx_struct_oper_list.type 
_pdbx_struct_oper_list.name 
_pdbx_struct_oper_list.symmetry_operation 
_pdbx_struct_oper_list.matrix[1][1] 
_pdbx_struct_oper_list.matrix[1][2] 
_pdbx_struct_oper_list.matrix[1][3] 
_pdbx_struct_oper_list.vector[1] 
_pdbx_struct_oper_list.matrix[2][1] 
_pdbx_struct_oper_list.matrix[2][2] 
_pdbx_struct_oper_list.matrix[2][3] 
_pdbx_struct_oper_list.vector[2] 
_pdbx_struct_oper_list.matrix[3][1] 
_pdbx_struct_oper_list.matrix[3][2] 
_pdbx_struct_oper_list.matrix[3][3] 
_pdbx_struct_oper_list.vector[3] 
1 'identity operation'         1_555  x,y,z        1.0000000000  0.0000000000  0.0000000000 0.0000000000  0.0000000000  1.0000000000 0.0000000000  0.0000000000  0.0000000000 0.0000000000  1.0000000000  0.0000000000  
2 'crystal symmetry operation' 12_555 x,x-y,-z+5/6 -0.7937076426 -0.6032282859 0.0783824799 -3.3668109114 -0.6032282859 0.7639255739 -0.2292015545 -1.3643435038 0.0783824799 -0.2292015545 -0.9702179313 -1.6389279018 
# 
_struct_biol.id   1 
# 
loop_
_struct_conn.id 
_struct_conn.conn_type_id 
_struct_conn.pdbx_leaving_atom_flag 
_struct_conn.pdbx_PDB_id 
_struct_conn.ptnr1_label_asym_id 
_struct_conn.ptnr1_label_comp_id 
_struct_conn.ptnr1_label_seq_id 
_struct_conn.ptnr1_label_atom_id 
_struct_conn.pdbx_ptnr1_label_alt_id 
_struct_conn.pdbx_ptnr1_PDB_ins_code 
_struct_conn.pdbx_ptnr1_standard_comp_id 
_struct_conn.ptnr1_symmetry 
_struct_conn.ptnr2_label_asym_id 
_struct_conn.ptnr2_label_comp_id 
_struct_conn.ptnr2_label_seq_id 
_struct_conn.ptnr2_label_atom_id 
_struct_conn.pdbx_ptnr2_label_alt_id 
_struct_conn.pdbx_ptnr2_PDB_ins_code 
_struct_conn.ptnr1_auth_asym_id 
_struct_conn.ptnr1_auth_comp_id 
_struct_conn.ptnr1_auth_seq_id 
_struct_conn.ptnr2_auth_asym_id 
_struct_conn.ptnr2_auth_comp_id 
_struct_conn.ptnr2_auth_seq_id 
_struct_conn.ptnr2_symmetry 
_struct_conn.pdbx_ptnr3_label_atom_id 
_struct_conn.pdbx_ptnr3_label_seq_id 
_struct_conn.pdbx_ptnr3_label_comp_id 
_struct_conn.pdbx_ptnr3_label_asym_id 
_struct_conn.pdbx_ptnr3_label_alt_id 
_struct_conn.pdbx_ptnr3_PDB_ins_code 
_struct_conn.details 
_struct_conn.pdbx_dist_value 
_struct_conn.pdbx_value_order 
_struct_conn.pdbx_role 
metalc1  metalc ? ? A A  8  OP2 ? ? ? 1_555 B MN  .  MN ? ? A A  8  A MN  13 1_555  ? ? ? ? ? ? ?            2.147 ? ? 
metalc2  metalc ? ? A G  9  N7  ? ? ? 1_555 B MN  .  MN ? ? A G  9  A MN  13 1_555  ? ? ? ? ? ? ?            2.290 ? ? 
metalc3  metalc ? ? B MN .  MN  ? ? ? 1_555 C HOH .  O  ? ? A MN 13 A HOH 24 1_555  ? ? ? ? ? ? ?            2.216 ? ? 
metalc4  metalc ? ? B MN .  MN  ? ? ? 1_555 C HOH .  O  ? ? A MN 13 A HOH 29 1_555  ? ? ? ? ? ? ?            2.085 ? ? 
hydrog1  hydrog ? ? A G  1  N1  ? ? ? 1_555 A C   12 N3 ? ? A G  1  A C   12 12_555 ? ? ? ? ? ? WATSON-CRICK ?     ? ? 
hydrog2  hydrog ? ? A G  1  N2  ? ? ? 1_555 A C   12 O2 ? ? A G  1  A C   12 12_555 ? ? ? ? ? ? WATSON-CRICK ?     ? ? 
hydrog3  hydrog ? ? A G  1  O6  ? ? ? 1_555 A C   12 N4 ? ? A G  1  A C   12 12_555 ? ? ? ? ? ? WATSON-CRICK ?     ? ? 
hydrog4  hydrog ? ? A G  2  N1  ? ? ? 1_555 A C   11 N3 ? ? A G  2  A C   11 12_555 ? ? ? ? ? ? WATSON-CRICK ?     ? ? 
hydrog5  hydrog ? ? A G  2  N2  ? ? ? 1_555 A C   11 O2 ? ? A G  2  A C   11 12_555 ? ? ? ? ? ? WATSON-CRICK ?     ? ? 
hydrog6  hydrog ? ? A G  2  O6  ? ? ? 1_555 A C   11 N4 ? ? A G  2  A C   11 12_555 ? ? ? ? ? ? WATSON-CRICK ?     ? ? 
hydrog7  hydrog ? ? A C  3  N3  ? ? ? 1_555 A G   10 N1 ? ? A C  3  A G   10 12_555 ? ? ? ? ? ? WATSON-CRICK ?     ? ? 
hydrog8  hydrog ? ? A C  3  N4  ? ? ? 1_555 A G   10 O6 ? ? A C  3  A G   10 12_555 ? ? ? ? ? ? WATSON-CRICK ?     ? ? 
hydrog9  hydrog ? ? A C  3  O2  ? ? ? 1_555 A G   10 N2 ? ? A C  3  A G   10 12_555 ? ? ? ? ? ? WATSON-CRICK ?     ? ? 
hydrog10 hydrog ? ? A C  4  N3  ? ? ? 1_555 A G   9  N1 ? ? A C  4  A G   9  12_555 ? ? ? ? ? ? WATSON-CRICK ?     ? ? 
hydrog11 hydrog ? ? A C  4  N4  ? ? ? 1_555 A G   9  O6 ? ? A C  4  A G   9  12_555 ? ? ? ? ? ? WATSON-CRICK ?     ? ? 
hydrog12 hydrog ? ? A C  4  O2  ? ? ? 1_555 A G   9  N2 ? ? A C  4  A G   9  12_555 ? ? ? ? ? ? WATSON-CRICK ?     ? ? 
hydrog13 hydrog ? ? A G  5  N2  ? ? ? 1_555 A A   8  N7 ? ? A G  5  A A   8  12_555 ? ? ? ? ? ? TYPE_11_PAIR ?     ? ? 
hydrog14 hydrog ? ? A G  5  N3  ? ? ? 1_555 A A   8  N6 ? ? A G  5  A A   8  12_555 ? ? ? ? ? ? TYPE_11_PAIR ?     ? ? 
hydrog15 hydrog ? ? A A  6  N6  ? ? ? 1_555 A A   7  N1 ? ? A A  6  A A   7  12_555 ? ? ? ? ? ? TYPE_5_PAIR  ?     ? ? 
hydrog16 hydrog ? ? A A  6  N7  ? ? ? 1_555 A A   7  N6 ? ? A A  6  A A   7  12_555 ? ? ? ? ? ? TYPE_5_PAIR  ?     ? ? 
hydrog17 hydrog ? ? A A  7  N1  ? ? ? 1_555 A A   6  N6 ? ? A A  7  A A   6  12_555 ? ? ? ? ? ? TYPE_5_PAIR  ?     ? ? 
hydrog18 hydrog ? ? A A  7  N6  ? ? ? 1_555 A A   6  N7 ? ? A A  7  A A   6  12_555 ? ? ? ? ? ? TYPE_5_PAIR  ?     ? ? 
hydrog19 hydrog ? ? A A  8  N6  ? ? ? 1_555 A G   5  N3 ? ? A A  8  A G   5  12_555 ? ? ? ? ? ? TYPE_11_PAIR ?     ? ? 
hydrog20 hydrog ? ? A A  8  N7  ? ? ? 1_555 A G   5  N2 ? ? A A  8  A G   5  12_555 ? ? ? ? ? ? TYPE_11_PAIR ?     ? ? 
hydrog21 hydrog ? ? A G  9  N1  ? ? ? 1_555 A C   4  N3 ? ? A G  9  A C   4  12_555 ? ? ? ? ? ? WATSON-CRICK ?     ? ? 
hydrog22 hydrog ? ? A G  9  N2  ? ? ? 1_555 A C   4  O2 ? ? A G  9  A C   4  12_555 ? ? ? ? ? ? WATSON-CRICK ?     ? ? 
hydrog23 hydrog ? ? A G  9  O6  ? ? ? 1_555 A C   4  N4 ? ? A G  9  A C   4  12_555 ? ? ? ? ? ? WATSON-CRICK ?     ? ? 
hydrog24 hydrog ? ? A G  10 N1  ? ? ? 1_555 A C   3  N3 ? ? A G  10 A C   3  12_555 ? ? ? ? ? ? WATSON-CRICK ?     ? ? 
hydrog25 hydrog ? ? A G  10 N2  ? ? ? 1_555 A C   3  O2 ? ? A G  10 A C   3  12_555 ? ? ? ? ? ? WATSON-CRICK ?     ? ? 
hydrog26 hydrog ? ? A G  10 O6  ? ? ? 1_555 A C   3  N4 ? ? A G  10 A C   3  12_555 ? ? ? ? ? ? WATSON-CRICK ?     ? ? 
hydrog27 hydrog ? ? A C  11 N3  ? ? ? 1_555 A G   2  N1 ? ? A C  11 A G   2  12_555 ? ? ? ? ? ? WATSON-CRICK ?     ? ? 
hydrog28 hydrog ? ? A C  11 N4  ? ? ? 1_555 A G   2  O6 ? ? A C  11 A G   2  12_555 ? ? ? ? ? ? WATSON-CRICK ?     ? ? 
hydrog29 hydrog ? ? A C  11 O2  ? ? ? 1_555 A G   2  N2 ? ? A C  11 A G   2  12_555 ? ? ? ? ? ? WATSON-CRICK ?     ? ? 
hydrog30 hydrog ? ? A C  12 N3  ? ? ? 1_555 A G   1  N1 ? ? A C  12 A G   1  12_555 ? ? ? ? ? ? WATSON-CRICK ?     ? ? 
hydrog31 hydrog ? ? A C  12 N4  ? ? ? 1_555 A G   1  O6 ? ? A C  12 A G   1  12_555 ? ? ? ? ? ? WATSON-CRICK ?     ? ? 
hydrog32 hydrog ? ? A C  12 O2  ? ? ? 1_555 A G   1  N2 ? ? A C  12 A G   1  12_555 ? ? ? ? ? ? WATSON-CRICK ?     ? ? 
# 
loop_
_struct_conn_type.id 
_struct_conn_type.criteria 
_struct_conn_type.reference 
metalc ? ? 
hydrog ? ? 
# 
loop_
_pdbx_struct_conn_angle.id 
_pdbx_struct_conn_angle.ptnr1_label_atom_id 
_pdbx_struct_conn_angle.ptnr1_label_alt_id 
_pdbx_struct_conn_angle.ptnr1_label_asym_id 
_pdbx_struct_conn_angle.ptnr1_label_comp_id 
_pdbx_struct_conn_angle.ptnr1_label_seq_id 
_pdbx_struct_conn_angle.ptnr1_auth_atom_id 
_pdbx_struct_conn_angle.ptnr1_auth_asym_id 
_pdbx_struct_conn_angle.ptnr1_auth_comp_id 
_pdbx_struct_conn_angle.ptnr1_auth_seq_id 
_pdbx_struct_conn_angle.ptnr1_PDB_ins_code 
_pdbx_struct_conn_angle.ptnr1_symmetry 
_pdbx_struct_conn_angle.ptnr2_label_atom_id 
_pdbx_struct_conn_angle.ptnr2_label_alt_id 
_pdbx_struct_conn_angle.ptnr2_label_asym_id 
_pdbx_struct_conn_angle.ptnr2_label_comp_id 
_pdbx_struct_conn_angle.ptnr2_label_seq_id 
_pdbx_struct_conn_angle.ptnr2_auth_atom_id 
_pdbx_struct_conn_angle.ptnr2_auth_asym_id 
_pdbx_struct_conn_angle.ptnr2_auth_comp_id 
_pdbx_struct_conn_angle.ptnr2_auth_seq_id 
_pdbx_struct_conn_angle.ptnr2_PDB_ins_code 
_pdbx_struct_conn_angle.ptnr2_symmetry 
_pdbx_struct_conn_angle.ptnr3_label_atom_id 
_pdbx_struct_conn_angle.ptnr3_label_alt_id 
_pdbx_struct_conn_angle.ptnr3_label_asym_id 
_pdbx_struct_conn_angle.ptnr3_label_comp_id 
_pdbx_struct_conn_angle.ptnr3_label_seq_id 
_pdbx_struct_conn_angle.ptnr3_auth_atom_id 
_pdbx_struct_conn_angle.ptnr3_auth_asym_id 
_pdbx_struct_conn_angle.ptnr3_auth_comp_id 
_pdbx_struct_conn_angle.ptnr3_auth_seq_id 
_pdbx_struct_conn_angle.ptnr3_PDB_ins_code 
_pdbx_struct_conn_angle.ptnr3_symmetry 
_pdbx_struct_conn_angle.value 
_pdbx_struct_conn_angle.value_esd 
1 OP2 ? A A   8 ? A A   8  ? 1_555 MN ? B MN . ? A MN 13 ? 1_555 N7 ? A G   9 ? A G   9  ? 1_555 102.6 ? 
2 OP2 ? A A   8 ? A A   8  ? 1_555 MN ? B MN . ? A MN 13 ? 1_555 O  ? C HOH . ? A HOH 24 ? 1_555 66.3  ? 
3 N7  ? A G   9 ? A G   9  ? 1_555 MN ? B MN . ? A MN 13 ? 1_555 O  ? C HOH . ? A HOH 24 ? 1_555 72.5  ? 
4 OP2 ? A A   8 ? A A   8  ? 1_555 MN ? B MN . ? A MN 13 ? 1_555 O  ? C HOH . ? A HOH 29 ? 1_555 79.0  ? 
5 N7  ? A G   9 ? A G   9  ? 1_555 MN ? B MN . ? A MN 13 ? 1_555 O  ? C HOH . ? A HOH 29 ? 1_555 77.1  ? 
6 O   ? C HOH . ? A HOH 24 ? 1_555 MN ? B MN . ? A MN 13 ? 1_555 O  ? C HOH . ? A HOH 29 ? 1_555 126.3 ? 
# 
_struct_site.id                   AC1 
_struct_site.pdbx_evidence_code   Software 
_struct_site.pdbx_auth_asym_id    A 
_struct_site.pdbx_auth_comp_id    MN 
_struct_site.pdbx_auth_seq_id     13 
_struct_site.pdbx_auth_ins_code   ? 
_struct_site.pdbx_num_residues    5 
_struct_site.details              'BINDING SITE FOR RESIDUE MN A 13' 
# 
loop_
_struct_site_gen.id 
_struct_site_gen.site_id 
_struct_site_gen.pdbx_num_res 
_struct_site_gen.label_comp_id 
_struct_site_gen.label_asym_id 
_struct_site_gen.label_seq_id 
_struct_site_gen.pdbx_auth_ins_code 
_struct_site_gen.auth_comp_id 
_struct_site_gen.auth_asym_id 
_struct_site_gen.auth_seq_id 
_struct_site_gen.label_atom_id 
_struct_site_gen.label_alt_id 
_struct_site_gen.symmetry 
_struct_site_gen.details 
1 AC1 5 A   A 8 ? A   A 8  . ? 1_555 ? 
2 AC1 5 G   A 9 ? G   A 9  . ? 1_555 ? 
3 AC1 5 HOH C . ? HOH A 24 . ? 1_555 ? 
4 AC1 5 HOH C . ? HOH A 27 . ? 1_555 ? 
5 AC1 5 HOH C . ? HOH A 29 . ? 1_555 ? 
# 
loop_
_refine_B_iso.class 
_refine_B_iso.details 
_refine_B_iso.treatment 
_refine_B_iso.pdbx_refine_id 
'ALL ATOMS'  TR isotropic 'X-RAY DIFFRACTION' 
'ALL WATERS' TR isotropic 'X-RAY DIFFRACTION' 
# 
loop_
_refine_occupancy.class 
_refine_occupancy.treatment 
_refine_occupancy.pdbx_refine_id 
'ALL ATOMS'  fix 'X-RAY DIFFRACTION' 
'ALL WATERS' fix 'X-RAY DIFFRACTION' 
# 
loop_
_chem_comp_atom.comp_id 
_chem_comp_atom.atom_id 
_chem_comp_atom.type_symbol 
_chem_comp_atom.pdbx_aromatic_flag 
_chem_comp_atom.pdbx_stereo_config 
_chem_comp_atom.pdbx_ordinal 
A   OP3    O  N N 1   
A   P      P  N N 2   
A   OP1    O  N N 3   
A   OP2    O  N N 4   
A   "O5'"  O  N N 5   
A   "C5'"  C  N N 6   
A   "C4'"  C  N R 7   
A   "O4'"  O  N N 8   
A   "C3'"  C  N S 9   
A   "O3'"  O  N N 10  
A   "C2'"  C  N R 11  
A   "O2'"  O  N N 12  
A   "C1'"  C  N R 13  
A   N9     N  Y N 14  
A   C8     C  Y N 15  
A   N7     N  Y N 16  
A   C5     C  Y N 17  
A   C6     C  Y N 18  
A   N6     N  N N 19  
A   N1     N  Y N 20  
A   C2     C  Y N 21  
A   N3     N  Y N 22  
A   C4     C  Y N 23  
A   HOP3   H  N N 24  
A   HOP2   H  N N 25  
A   "H5'"  H  N N 26  
A   "H5''" H  N N 27  
A   "H4'"  H  N N 28  
A   "H3'"  H  N N 29  
A   "HO3'" H  N N 30  
A   "H2'"  H  N N 31  
A   "HO2'" H  N N 32  
A   "H1'"  H  N N 33  
A   H8     H  N N 34  
A   H61    H  N N 35  
A   H62    H  N N 36  
A   H2     H  N N 37  
C   OP3    O  N N 38  
C   P      P  N N 39  
C   OP1    O  N N 40  
C   OP2    O  N N 41  
C   "O5'"  O  N N 42  
C   "C5'"  C  N N 43  
C   "C4'"  C  N R 44  
C   "O4'"  O  N N 45  
C   "C3'"  C  N S 46  
C   "O3'"  O  N N 47  
C   "C2'"  C  N R 48  
C   "O2'"  O  N N 49  
C   "C1'"  C  N R 50  
C   N1     N  N N 51  
C   C2     C  N N 52  
C   O2     O  N N 53  
C   N3     N  N N 54  
C   C4     C  N N 55  
C   N4     N  N N 56  
C   C5     C  N N 57  
C   C6     C  N N 58  
C   HOP3   H  N N 59  
C   HOP2   H  N N 60  
C   "H5'"  H  N N 61  
C   "H5''" H  N N 62  
C   "H4'"  H  N N 63  
C   "H3'"  H  N N 64  
C   "HO3'" H  N N 65  
C   "H2'"  H  N N 66  
C   "HO2'" H  N N 67  
C   "H1'"  H  N N 68  
C   H41    H  N N 69  
C   H42    H  N N 70  
C   H5     H  N N 71  
C   H6     H  N N 72  
G   OP3    O  N N 73  
G   P      P  N N 74  
G   OP1    O  N N 75  
G   OP2    O  N N 76  
G   "O5'"  O  N N 77  
G   "C5'"  C  N N 78  
G   "C4'"  C  N R 79  
G   "O4'"  O  N N 80  
G   "C3'"  C  N S 81  
G   "O3'"  O  N N 82  
G   "C2'"  C  N R 83  
G   "O2'"  O  N N 84  
G   "C1'"  C  N R 85  
G   N9     N  Y N 86  
G   C8     C  Y N 87  
G   N7     N  Y N 88  
G   C5     C  Y N 89  
G   C6     C  N N 90  
G   O6     O  N N 91  
G   N1     N  N N 92  
G   C2     C  N N 93  
G   N2     N  N N 94  
G   N3     N  N N 95  
G   C4     C  Y N 96  
G   HOP3   H  N N 97  
G   HOP2   H  N N 98  
G   "H5'"  H  N N 99  
G   "H5''" H  N N 100 
G   "H4'"  H  N N 101 
G   "H3'"  H  N N 102 
G   "HO3'" H  N N 103 
G   "H2'"  H  N N 104 
G   "HO2'" H  N N 105 
G   "H1'"  H  N N 106 
G   H8     H  N N 107 
G   H1     H  N N 108 
G   H21    H  N N 109 
G   H22    H  N N 110 
HOH O      O  N N 111 
HOH H1     H  N N 112 
HOH H2     H  N N 113 
MN  MN     MN N N 114 
# 
loop_
_chem_comp_bond.comp_id 
_chem_comp_bond.atom_id_1 
_chem_comp_bond.atom_id_2 
_chem_comp_bond.value_order 
_chem_comp_bond.pdbx_aromatic_flag 
_chem_comp_bond.pdbx_stereo_config 
_chem_comp_bond.pdbx_ordinal 
A   OP3   P      sing N N 1   
A   OP3   HOP3   sing N N 2   
A   P     OP1    doub N N 3   
A   P     OP2    sing N N 4   
A   P     "O5'"  sing N N 5   
A   OP2   HOP2   sing N N 6   
A   "O5'" "C5'"  sing N N 7   
A   "C5'" "C4'"  sing N N 8   
A   "C5'" "H5'"  sing N N 9   
A   "C5'" "H5''" sing N N 10  
A   "C4'" "O4'"  sing N N 11  
A   "C4'" "C3'"  sing N N 12  
A   "C4'" "H4'"  sing N N 13  
A   "O4'" "C1'"  sing N N 14  
A   "C3'" "O3'"  sing N N 15  
A   "C3'" "C2'"  sing N N 16  
A   "C3'" "H3'"  sing N N 17  
A   "O3'" "HO3'" sing N N 18  
A   "C2'" "O2'"  sing N N 19  
A   "C2'" "C1'"  sing N N 20  
A   "C2'" "H2'"  sing N N 21  
A   "O2'" "HO2'" sing N N 22  
A   "C1'" N9     sing N N 23  
A   "C1'" "H1'"  sing N N 24  
A   N9    C8     sing Y N 25  
A   N9    C4     sing Y N 26  
A   C8    N7     doub Y N 27  
A   C8    H8     sing N N 28  
A   N7    C5     sing Y N 29  
A   C5    C6     sing Y N 30  
A   C5    C4     doub Y N 31  
A   C6    N6     sing N N 32  
A   C6    N1     doub Y N 33  
A   N6    H61    sing N N 34  
A   N6    H62    sing N N 35  
A   N1    C2     sing Y N 36  
A   C2    N3     doub Y N 37  
A   C2    H2     sing N N 38  
A   N3    C4     sing Y N 39  
C   OP3   P      sing N N 40  
C   OP3   HOP3   sing N N 41  
C   P     OP1    doub N N 42  
C   P     OP2    sing N N 43  
C   P     "O5'"  sing N N 44  
C   OP2   HOP2   sing N N 45  
C   "O5'" "C5'"  sing N N 46  
C   "C5'" "C4'"  sing N N 47  
C   "C5'" "H5'"  sing N N 48  
C   "C5'" "H5''" sing N N 49  
C   "C4'" "O4'"  sing N N 50  
C   "C4'" "C3'"  sing N N 51  
C   "C4'" "H4'"  sing N N 52  
C   "O4'" "C1'"  sing N N 53  
C   "C3'" "O3'"  sing N N 54  
C   "C3'" "C2'"  sing N N 55  
C   "C3'" "H3'"  sing N N 56  
C   "O3'" "HO3'" sing N N 57  
C   "C2'" "O2'"  sing N N 58  
C   "C2'" "C1'"  sing N N 59  
C   "C2'" "H2'"  sing N N 60  
C   "O2'" "HO2'" sing N N 61  
C   "C1'" N1     sing N N 62  
C   "C1'" "H1'"  sing N N 63  
C   N1    C2     sing N N 64  
C   N1    C6     sing N N 65  
C   C2    O2     doub N N 66  
C   C2    N3     sing N N 67  
C   N3    C4     doub N N 68  
C   C4    N4     sing N N 69  
C   C4    C5     sing N N 70  
C   N4    H41    sing N N 71  
C   N4    H42    sing N N 72  
C   C5    C6     doub N N 73  
C   C5    H5     sing N N 74  
C   C6    H6     sing N N 75  
G   OP3   P      sing N N 76  
G   OP3   HOP3   sing N N 77  
G   P     OP1    doub N N 78  
G   P     OP2    sing N N 79  
G   P     "O5'"  sing N N 80  
G   OP2   HOP2   sing N N 81  
G   "O5'" "C5'"  sing N N 82  
G   "C5'" "C4'"  sing N N 83  
G   "C5'" "H5'"  sing N N 84  
G   "C5'" "H5''" sing N N 85  
G   "C4'" "O4'"  sing N N 86  
G   "C4'" "C3'"  sing N N 87  
G   "C4'" "H4'"  sing N N 88  
G   "O4'" "C1'"  sing N N 89  
G   "C3'" "O3'"  sing N N 90  
G   "C3'" "C2'"  sing N N 91  
G   "C3'" "H3'"  sing N N 92  
G   "O3'" "HO3'" sing N N 93  
G   "C2'" "O2'"  sing N N 94  
G   "C2'" "C1'"  sing N N 95  
G   "C2'" "H2'"  sing N N 96  
G   "O2'" "HO2'" sing N N 97  
G   "C1'" N9     sing N N 98  
G   "C1'" "H1'"  sing N N 99  
G   N9    C8     sing Y N 100 
G   N9    C4     sing Y N 101 
G   C8    N7     doub Y N 102 
G   C8    H8     sing N N 103 
G   N7    C5     sing Y N 104 
G   C5    C6     sing N N 105 
G   C5    C4     doub Y N 106 
G   C6    O6     doub N N 107 
G   C6    N1     sing N N 108 
G   N1    C2     sing N N 109 
G   N1    H1     sing N N 110 
G   C2    N2     sing N N 111 
G   C2    N3     doub N N 112 
G   N2    H21    sing N N 113 
G   N2    H22    sing N N 114 
G   N3    C4     sing N N 115 
HOH O     H1     sing N N 116 
HOH O     H2     sing N N 117 
# 
loop_
_ndb_struct_conf_na.entry_id 
_ndb_struct_conf_na.feature 
283D 'double helix'         
283D 'a-form double helix'  
283D 'mismatched base pair' 
# 
loop_
_ndb_struct_na_base_pair.model_number 
_ndb_struct_na_base_pair.i_label_asym_id 
_ndb_struct_na_base_pair.i_label_comp_id 
_ndb_struct_na_base_pair.i_label_seq_id 
_ndb_struct_na_base_pair.i_symmetry 
_ndb_struct_na_base_pair.j_label_asym_id 
_ndb_struct_na_base_pair.j_label_comp_id 
_ndb_struct_na_base_pair.j_label_seq_id 
_ndb_struct_na_base_pair.j_symmetry 
_ndb_struct_na_base_pair.shear 
_ndb_struct_na_base_pair.stretch 
_ndb_struct_na_base_pair.stagger 
_ndb_struct_na_base_pair.buckle 
_ndb_struct_na_base_pair.propeller 
_ndb_struct_na_base_pair.opening 
_ndb_struct_na_base_pair.pair_number 
_ndb_struct_na_base_pair.pair_name 
_ndb_struct_na_base_pair.i_auth_asym_id 
_ndb_struct_na_base_pair.i_auth_seq_id 
_ndb_struct_na_base_pair.i_PDB_ins_code 
_ndb_struct_na_base_pair.j_auth_asym_id 
_ndb_struct_na_base_pair.j_auth_seq_id 
_ndb_struct_na_base_pair.j_PDB_ins_code 
_ndb_struct_na_base_pair.hbond_type_28 
_ndb_struct_na_base_pair.hbond_type_12 
1 A G 1  1_555 A C 12 12_555 -0.676 -0.096 0.173  1.678   -12.503 0.603    1  A_G1:C12_A A 1  ? A 12 ? 19 1  
1 A G 2  1_555 A C 11 12_555 -0.673 -0.165 0.007  6.135   -11.372 0.539    2  A_G2:C11_A A 2  ? A 11 ? 19 1  
1 A C 3  1_555 A G 10 12_555 0.552  -0.171 -0.137 8.968   -14.655 0.596    3  A_C3:G10_A A 3  ? A 10 ? 19 1  
1 A C 4  1_555 A G 9  12_555 0.118  -0.184 -0.017 1.296   -13.532 2.551    4  A_C4:G9_A  A 4  ? A 9  ? 19 1  
1 A G 5  1_555 A A 8  12_555 6.751  -4.242 -0.023 -1.029  -18.600 -3.853   5  A_G5:A8_A  A 5  ? A 8  ? 11 10 
1 A A 6  1_555 A A 7  12_555 -4.173 1.451  -0.816 10.927  -15.893 -106.481 6  A_A6:A7_A  A 6  ? A 7  ? 5  4  
1 A A 7  1_555 A A 6  12_555 4.173  1.451  -0.816 -10.927 -15.893 -106.481 7  A_A7:A6_A  A 7  ? A 6  ? 5  4  
1 A A 8  1_555 A G 5  12_555 -6.751 -4.242 -0.023 1.029   -18.600 -3.853   8  A_A8:G5_A  A 8  ? A 5  ? 11 10 
1 A G 9  1_555 A C 4  12_555 -0.118 -0.184 -0.017 -1.296  -13.532 2.551    9  A_G9:C4_A  A 9  ? A 4  ? 19 1  
1 A G 10 1_555 A C 3  12_555 -0.552 -0.171 -0.137 -8.968  -14.655 0.596    10 A_G10:C3_A A 10 ? A 3  ? 19 1  
1 A C 11 1_555 A G 2  12_555 0.673  -0.165 0.007  -6.135  -11.372 0.539    11 A_C11:G2_A A 11 ? A 2  ? 19 1  
1 A C 12 1_555 A G 1  12_555 0.676  -0.096 0.173  -1.678  -12.503 0.603    12 A_C12:G1_A A 12 ? A 1  ? 19 1  
# 
loop_
_ndb_struct_na_base_pair_step.model_number 
_ndb_struct_na_base_pair_step.i_label_asym_id_1 
_ndb_struct_na_base_pair_step.i_label_comp_id_1 
_ndb_struct_na_base_pair_step.i_label_seq_id_1 
_ndb_struct_na_base_pair_step.i_symmetry_1 
_ndb_struct_na_base_pair_step.j_label_asym_id_1 
_ndb_struct_na_base_pair_step.j_label_comp_id_1 
_ndb_struct_na_base_pair_step.j_label_seq_id_1 
_ndb_struct_na_base_pair_step.j_symmetry_1 
_ndb_struct_na_base_pair_step.i_label_asym_id_2 
_ndb_struct_na_base_pair_step.i_label_comp_id_2 
_ndb_struct_na_base_pair_step.i_label_seq_id_2 
_ndb_struct_na_base_pair_step.i_symmetry_2 
_ndb_struct_na_base_pair_step.j_label_asym_id_2 
_ndb_struct_na_base_pair_step.j_label_comp_id_2 
_ndb_struct_na_base_pair_step.j_label_seq_id_2 
_ndb_struct_na_base_pair_step.j_symmetry_2 
_ndb_struct_na_base_pair_step.shift 
_ndb_struct_na_base_pair_step.slide 
_ndb_struct_na_base_pair_step.rise 
_ndb_struct_na_base_pair_step.tilt 
_ndb_struct_na_base_pair_step.roll 
_ndb_struct_na_base_pair_step.twist 
_ndb_struct_na_base_pair_step.x_displacement 
_ndb_struct_na_base_pair_step.y_displacement 
_ndb_struct_na_base_pair_step.helical_rise 
_ndb_struct_na_base_pair_step.inclination 
_ndb_struct_na_base_pair_step.tip 
_ndb_struct_na_base_pair_step.helical_twist 
_ndb_struct_na_base_pair_step.step_number 
_ndb_struct_na_base_pair_step.step_name 
_ndb_struct_na_base_pair_step.i_auth_asym_id_1 
_ndb_struct_na_base_pair_step.i_auth_seq_id_1 
_ndb_struct_na_base_pair_step.i_PDB_ins_code_1 
_ndb_struct_na_base_pair_step.j_auth_asym_id_1 
_ndb_struct_na_base_pair_step.j_auth_seq_id_1 
_ndb_struct_na_base_pair_step.j_PDB_ins_code_1 
_ndb_struct_na_base_pair_step.i_auth_asym_id_2 
_ndb_struct_na_base_pair_step.i_auth_seq_id_2 
_ndb_struct_na_base_pair_step.i_PDB_ins_code_2 
_ndb_struct_na_base_pair_step.j_auth_asym_id_2 
_ndb_struct_na_base_pair_step.j_auth_seq_id_2 
_ndb_struct_na_base_pair_step.j_PDB_ins_code_2 
1 A G 1  1_555 A C 12 12_555 A G 2  1_555 A C 11 12_555 0.055  -1.402 3.153 -1.191 7.633  33.204 -3.508  -0.268  2.769 13.136  
2.050  34.066  1  AA_G1G2:C11C12_AA A 1  ? A 12 ? A 2  ? A 11 ? 
1 A G 2  1_555 A C 11 12_555 A C 3  1_555 A G 10 12_555 0.889  -1.267 3.269 2.195  2.563  37.893 -2.267  -1.087  3.224 3.937   
-3.372 38.038  2  AA_G2C3:G10C11_AA A 2  ? A 11 ? A 3  ? A 10 ? 
1 A C 3  1_555 A G 10 12_555 A C 4  1_555 A G 9  12_555 -0.771 -2.363 3.365 -1.755 10.090 24.329 -7.600  1.270   2.269 22.698  
3.949  26.366  3  AA_C3C4:G9G10_AA  A 3  ? A 10 ? A 4  ? A 9  ? 
1 A C 4  1_555 A G 9  12_555 A G 5  1_555 A A 8  12_555 -1.185 -0.298 3.717 4.117  8.417  59.502 -0.761  1.409   3.568 8.423   
-4.121 60.168  4  AA_C4G5:A8G9_AA   A 4  ? A 9  ? A 5  ? A 8  ? 
1 A G 5  1_555 A A 8  12_555 A A 6  1_555 A A 7  12_555 -5.741 0.431  3.115 -0.258 11.303 -8.295 -11.108 -23.744 1.394 -53.831 
-1.227 -14.015 5  AA_G5A6:A7A8_AA   A 5  ? A 8  ? A 6  ? A 7  ? 
1 A A 6  1_555 A A 7  12_555 A A 7  1_555 A A 6  12_555 0.000  -5.165 4.280 0.000  6.383  74.101 -4.523  0.000   3.889 5.287   
0.000  74.336  6  AA_A6A7:A6A7_AA   A 6  ? A 7  ? A 7  ? A 6  ? 
1 A A 7  1_555 A A 6  12_555 A A 8  1_555 A G 5  12_555 5.741  0.431  3.115 0.258  11.303 -8.295 -11.108 23.744  1.394 -53.831 
1.227  -14.015 7  AA_A7A8:G5A6_AA   A 7  ? A 6  ? A 8  ? A 5  ? 
1 A A 8  1_555 A G 5  12_555 A G 9  1_555 A C 4  12_555 1.185  -0.298 3.717 -4.117 8.417  59.502 -0.761  -1.409  3.568 8.423   
4.121  60.168  8  AA_A8G9:C4G5_AA   A 8  ? A 5  ? A 9  ? A 4  ? 
1 A G 9  1_555 A C 4  12_555 A G 10 1_555 A C 3  12_555 0.771  -2.363 3.365 1.755  10.090 24.329 -7.600  -1.270  2.269 22.698  
-3.949 26.366  9  AA_G9G10:C3C4_AA  A 9  ? A 4  ? A 10 ? A 3  ? 
1 A G 10 1_555 A C 3  12_555 A C 11 1_555 A G 2  12_555 -0.889 -1.267 3.269 -2.195 2.563  37.893 -2.267  1.087   3.224 3.937   
3.372  38.038  10 AA_G10C11:G2C3_AA A 10 ? A 3  ? A 11 ? A 2  ? 
1 A C 11 1_555 A G 2  12_555 A C 12 1_555 A G 1  12_555 -0.055 -1.402 3.153 1.191  7.633  33.204 -3.508  0.268   2.769 13.136  
-2.050 34.066  11 AA_C11C12:G1G2_AA A 11 ? A 2  ? A 12 ? A 1  ? 
# 
_pdbx_initial_refinement_model.accession_code   157D 
_pdbx_initial_refinement_model.id               1 
_pdbx_initial_refinement_model.entity_id_list   ? 
_pdbx_initial_refinement_model.type             'experimental model' 
_pdbx_initial_refinement_model.source_name      PDB 
_pdbx_initial_refinement_model.details          'STANDARD A-FORM DUPLEX AND ARL048' 
# 
_atom_sites.entry_id                    283D 
_atom_sites.fract_transf_matrix[1][1]   0.00983425 
_atom_sites.fract_transf_matrix[1][2]   -0.02875633 
_atom_sites.fract_transf_matrix[1][3]   0.00373649 
_atom_sites.fract_transf_matrix[2][1]   -0.01830139 
_atom_sites.fract_transf_matrix[2][2]   -0.02088478 
_atom_sites.fract_transf_matrix[2][3]   0.01290468 
_atom_sites.fract_transf_matrix[3][1]   -0.00408722 
_atom_sites.fract_transf_matrix[3][2]   -0.00272370 
_atom_sites.fract_transf_matrix[3][3]   -0.01020449 
_atom_sites.fract_transf_vector[1]      0.056890 
_atom_sites.fract_transf_vector[2]      -0.006035 
_atom_sites.fract_transf_vector[3]      0.399565 
# 
loop_
_atom_type.symbol 
C  
MN 
N  
O  
P  
# 
loop_
_atom_site.group_PDB 
_atom_site.id 
_atom_site.type_symbol 
_atom_site.label_atom_id 
_atom_site.label_alt_id 
_atom_site.label_comp_id 
_atom_site.label_asym_id 
_atom_site.label_entity_id 
_atom_site.label_seq_id 
_atom_site.pdbx_PDB_ins_code 
_atom_site.Cartn_x 
_atom_site.Cartn_y 
_atom_site.Cartn_z 
_atom_site.occupancy 
_atom_site.B_iso_or_equiv 
_atom_site.pdbx_formal_charge 
_atom_site.auth_seq_id 
_atom_site.auth_comp_id 
_atom_site.auth_asym_id 
_atom_site.auth_atom_id 
_atom_site.pdbx_PDB_model_num 
ATOM   1   O  "O5'" . G   A 1 1  ? -13.242 -6.254  12.301  1.00 27.44 ? 1  G   A "O5'" 1 
ATOM   2   C  "C5'" . G   A 1 1  ? -12.981 -7.192  13.336  1.00 26.88 ? 1  G   A "C5'" 1 
ATOM   3   C  "C4'" . G   A 1 1  ? -12.878 -8.592  12.796  1.00 26.52 ? 1  G   A "C4'" 1 
ATOM   4   O  "O4'" . G   A 1 1  ? -14.143 -8.967  12.202  1.00 27.19 ? 1  G   A "O4'" 1 
ATOM   5   C  "C3'" . G   A 1 1  ? -11.887 -8.774  11.667  1.00 27.45 ? 1  G   A "C3'" 1 
ATOM   6   O  "O3'" . G   A 1 1  ? -10.575 -8.960  12.171  1.00 31.56 ? 1  G   A "O3'" 1 
ATOM   7   C  "C2'" . G   A 1 1  ? -12.426 -10.025 10.997  1.00 27.77 ? 1  G   A "C2'" 1 
ATOM   8   O  "O2'" . G   A 1 1  ? -12.150 -11.189 11.755  1.00 28.74 ? 1  G   A "O2'" 1 
ATOM   9   C  "C1'" . G   A 1 1  ? -13.923 -9.741  11.035  1.00 24.25 ? 1  G   A "C1'" 1 
ATOM   10  N  N9    . G   A 1 1  ? -14.386 -8.953  9.897   1.00 21.14 ? 1  G   A N9    1 
ATOM   11  C  C8    . G   A 1 1  ? -14.671 -7.610  9.890   1.00 19.63 ? 1  G   A C8    1 
ATOM   12  N  N7    . G   A 1 1  ? -15.084 -7.179  8.730   1.00 18.20 ? 1  G   A N7    1 
ATOM   13  C  C5    . G   A 1 1  ? -15.064 -8.303  7.922   1.00 18.54 ? 1  G   A C5    1 
ATOM   14  C  C6    . G   A 1 1  ? -15.403 -8.450  6.568   1.00 19.39 ? 1  G   A C6    1 
ATOM   15  O  O6    . G   A 1 1  ? -15.830 -7.593  5.782   1.00 24.35 ? 1  G   A O6    1 
ATOM   16  N  N1    . G   A 1 1  ? -15.221 -9.750  6.139   1.00 18.55 ? 1  G   A N1    1 
ATOM   17  C  C2    . G   A 1 1  ? -14.790 -10.779 6.924   1.00 20.15 ? 1  G   A C2    1 
ATOM   18  N  N2    . G   A 1 1  ? -14.694 -11.959 6.325   1.00 24.03 ? 1  G   A N2    1 
ATOM   19  N  N3    . G   A 1 1  ? -14.478 -10.664 8.198   1.00 20.75 ? 1  G   A N3    1 
ATOM   20  C  C4    . G   A 1 1  ? -14.634 -9.406  8.628   1.00 19.98 ? 1  G   A C4    1 
ATOM   21  P  P     . G   A 1 2  ? -9.328  -8.352  11.370  1.00 35.28 ? 2  G   A P     1 
ATOM   22  O  OP1   . G   A 1 2  ? -8.106  -8.523  12.210  1.00 34.70 ? 2  G   A OP1   1 
ATOM   23  O  OP2   . G   A 1 2  ? -9.717  -6.986  10.905  1.00 31.86 ? 2  G   A OP2   1 
ATOM   24  O  "O5'" . G   A 1 2  ? -9.220  -9.329  10.117  1.00 33.28 ? 2  G   A "O5'" 1 
ATOM   25  C  "C5'" . G   A 1 2  ? -8.941  -10.703 10.309  1.00 31.51 ? 2  G   A "C5'" 1 
ATOM   26  C  "C4'" . G   A 1 2  ? -9.003  -11.437 8.998   1.00 31.96 ? 2  G   A "C4'" 1 
ATOM   27  O  "O4'" . G   A 1 2  ? -10.368 -11.432 8.520   1.00 31.69 ? 2  G   A "O4'" 1 
ATOM   28  C  "C3'" . G   A 1 2  ? -8.229  -10.839 7.836   1.00 32.03 ? 2  G   A "C3'" 1 
ATOM   29  O  "O3'" . G   A 1 2  ? -6.862  -11.212 7.863   1.00 32.62 ? 2  G   A "O3'" 1 
ATOM   30  C  "C2'" . G   A 1 2  ? -8.915  -11.514 6.666   1.00 30.49 ? 2  G   A "C2'" 1 
ATOM   31  O  "O2'" . G   A 1 2  ? -8.526  -12.868 6.651   1.00 30.11 ? 2  G   A "O2'" 1 
ATOM   32  C  "C1'" . G   A 1 2  ? -10.377 -11.418 7.097   1.00 30.38 ? 2  G   A "C1'" 1 
ATOM   33  N  N9    . G   A 1 2  ? -11.029 -10.182 6.664   1.00 29.57 ? 2  G   A N9    1 
ATOM   34  C  C8    . G   A 1 2  ? -11.201 -9.041  7.412   1.00 28.32 ? 2  G   A C8    1 
ATOM   35  N  N7    . G   A 1 2  ? -11.824 -8.094  6.765   1.00 25.06 ? 2  G   A N7    1 
ATOM   36  C  C5    . G   A 1 2  ? -12.085 -8.639  5.517   1.00 25.04 ? 2  G   A C5    1 
ATOM   37  C  C6    . G   A 1 2  ? -12.735 -8.075  4.392   1.00 23.98 ? 2  G   A C6    1 
ATOM   38  O  O6    . G   A 1 2  ? -13.253 -6.951  4.283   1.00 19.57 ? 2  G   A O6    1 
ATOM   39  N  N1    . G   A 1 2  ? -12.761 -8.963  3.320   1.00 23.46 ? 2  G   A N1    1 
ATOM   40  C  C2    . G   A 1 2  ? -12.247 -10.239 3.337   1.00 25.36 ? 2  G   A C2    1 
ATOM   41  N  N2    . G   A 1 2  ? -12.389 -10.958 2.213   1.00 24.80 ? 2  G   A N2    1 
ATOM   42  N  N3    . G   A 1 2  ? -11.642 -10.776 4.384   1.00 27.60 ? 2  G   A N3    1 
ATOM   43  C  C4    . G   A 1 2  ? -11.596 -9.925  5.431   1.00 26.97 ? 2  G   A C4    1 
ATOM   44  P  P     . C   A 1 3  ? -5.753  -10.193 7.302   1.00 35.78 ? 3  C   A P     1 
ATOM   45  O  OP1   . C   A 1 3  ? -4.441  -10.859 7.492   1.00 38.31 ? 3  C   A OP1   1 
ATOM   46  O  OP2   . C   A 1 3  ? -5.984  -8.822  7.855   1.00 33.86 ? 3  C   A OP2   1 
ATOM   47  O  "O5'" . C   A 1 3  ? -6.011  -10.132 5.733   1.00 35.21 ? 3  C   A "O5'" 1 
ATOM   48  C  "C5'" . C   A 1 3  ? -5.713  -11.244 4.904   1.00 30.10 ? 3  C   A "C5'" 1 
ATOM   49  C  "C4'" . C   A 1 3  ? -6.374  -11.072 3.567   1.00 27.76 ? 3  C   A "C4'" 1 
ATOM   50  O  "O4'" . C   A 1 3  ? -7.755  -10.727 3.824   1.00 24.62 ? 3  C   A "O4'" 1 
ATOM   51  C  "C3'" . C   A 1 3  ? -5.904  -9.909  2.703   1.00 27.08 ? 3  C   A "C3'" 1 
ATOM   52  O  "O3'" . C   A 1 3  ? -4.715  -10.224 1.976   1.00 30.37 ? 3  C   A "O3'" 1 
ATOM   53  C  "C2'" . C   A 1 3  ? -7.104  -9.733  1.779   1.00 27.50 ? 3  C   A "C2'" 1 
ATOM   54  O  "O2'" . C   A 1 3  ? -7.207  -10.714 0.761   1.00 29.07 ? 3  C   A "O2'" 1 
ATOM   55  C  "C1'" . C   A 1 3  ? -8.253  -9.943  2.758   1.00 23.94 ? 3  C   A "C1'" 1 
ATOM   56  N  N1    . C   A 1 3  ? -8.739  -8.667  3.287   1.00 18.41 ? 3  C   A N1    1 
ATOM   57  C  C2    . C   A 1 3  ? -9.563  -7.916  2.480   1.00 17.40 ? 3  C   A C2    1 
ATOM   58  O  O2    . C   A 1 3  ? -9.841  -8.355  1.348   1.00 17.61 ? 3  C   A O2    1 
ATOM   59  N  N3    . C   A 1 3  ? -10.036 -6.731  2.929   1.00 17.99 ? 3  C   A N3    1 
ATOM   60  C  C4    . C   A 1 3  ? -9.688  -6.294  4.136   1.00 15.80 ? 3  C   A C4    1 
ATOM   61  N  N4    . C   A 1 3  ? -10.174 -5.119  4.538   1.00 14.65 ? 3  C   A N4    1 
ATOM   62  C  C5    . C   A 1 3  ? -8.830  -7.045  4.982   1.00 13.95 ? 3  C   A C5    1 
ATOM   63  C  C6    . C   A 1 3  ? -8.389  -8.222  4.526   1.00 14.66 ? 3  C   A C6    1 
ATOM   64  P  P     . C   A 1 4  ? -3.709  -9.041  1.509   1.00 28.80 ? 4  C   A P     1 
ATOM   65  O  OP1   . C   A 1 4  ? -2.450  -9.687  1.061   1.00 29.31 ? 4  C   A OP1   1 
ATOM   66  O  OP2   . C   A 1 4  ? -3.663  -7.995  2.561   1.00 30.28 ? 4  C   A OP2   1 
ATOM   67  O  "O5'" . C   A 1 4  ? -4.407  -8.420  0.223   1.00 27.30 ? 4  C   A "O5'" 1 
ATOM   68  C  "C5'" . C   A 1 4  ? -4.673  -9.230  -0.909  1.00 20.12 ? 4  C   A "C5'" 1 
ATOM   69  C  "C4'" . C   A 1 4  ? -5.452  -8.447  -1.921  1.00 19.28 ? 4  C   A "C4'" 1 
ATOM   70  O  "O4'" . C   A 1 4  ? -6.719  -8.052  -1.347  1.00 17.85 ? 4  C   A "O4'" 1 
ATOM   71  C  "C3'" . C   A 1 4  ? -4.840  -7.115  -2.294  1.00 20.32 ? 4  C   A "C3'" 1 
ATOM   72  O  "O3'" . C   A 1 4  ? -3.806  -7.280  -3.243  1.00 24.15 ? 4  C   A "O3'" 1 
ATOM   73  C  "C2'" . C   A 1 4  ? -6.031  -6.378  -2.879  1.00 17.05 ? 4  C   A "C2'" 1 
ATOM   74  O  "O2'" . C   A 1 4  ? -6.295  -6.793  -4.194  1.00 17.62 ? 4  C   A "O2'" 1 
ATOM   75  C  "C1'" . C   A 1 4  ? -7.150  -6.845  -1.946  1.00 14.72 ? 4  C   A "C1'" 1 
ATOM   76  N  N1    . C   A 1 4  ? -7.454  -5.881  -0.886  1.00 13.75 ? 4  C   A N1    1 
ATOM   77  C  C2    . C   A 1 4  ? -8.208  -4.757  -1.213  1.00 14.49 ? 4  C   A C2    1 
ATOM   78  O  O2    . C   A 1 4  ? -8.575  -4.600  -2.392  1.00 17.67 ? 4  C   A O2    1 
ATOM   79  N  N3    . C   A 1 4  ? -8.523  -3.870  -0.250  1.00 14.11 ? 4  C   A N3    1 
ATOM   80  C  C4    . C   A 1 4  ? -8.125  -4.078  0.996   1.00 11.24 ? 4  C   A C4    1 
ATOM   81  N  N4    . C   A 1 4  ? -8.506  -3.204  1.903   1.00 11.95 ? 4  C   A N4    1 
ATOM   82  C  C5    . C   A 1 4  ? -7.331  -5.203  1.359   1.00 9.98  ? 4  C   A C5    1 
ATOM   83  C  C6    . C   A 1 4  ? -7.020  -6.072  0.397   1.00 14.16 ? 4  C   A C6    1 
ATOM   84  P  P     . G   A 1 5  ? -2.569  -6.264  -3.238  1.00 24.83 ? 5  G   A P     1 
ATOM   85  O  OP1   . G   A 1 5  ? -1.724  -6.687  -4.371  1.00 28.39 ? 5  G   A OP1   1 
ATOM   86  O  OP2   . G   A 1 5  ? -1.989  -6.155  -1.871  1.00 26.02 ? 5  G   A OP2   1 
ATOM   87  O  "O5'" . G   A 1 5  ? -3.229  -4.854  -3.567  1.00 23.96 ? 5  G   A "O5'" 1 
ATOM   88  C  "C5'" . G   A 1 5  ? -3.972  -4.646  -4.759  1.00 25.20 ? 5  G   A "C5'" 1 
ATOM   89  C  "C4'" . G   A 1 5  ? -4.528  -3.247  -4.765  1.00 24.55 ? 5  G   A "C4'" 1 
ATOM   90  O  "O4'" . G   A 1 5  ? -5.596  -3.163  -3.799  1.00 24.99 ? 5  G   A "O4'" 1 
ATOM   91  C  "C3'" . G   A 1 5  ? -3.528  -2.205  -4.307  1.00 24.86 ? 5  G   A "C3'" 1 
ATOM   92  O  "O3'" . G   A 1 5  ? -2.756  -1.748  -5.402  1.00 28.52 ? 5  G   A "O3'" 1 
ATOM   93  C  "C2'" . G   A 1 5  ? -4.416  -1.106  -3.756  1.00 21.34 ? 5  G   A "C2'" 1 
ATOM   94  O  "O2'" . G   A 1 5  ? -4.926  -0.264  -4.757  1.00 21.64 ? 5  G   A "O2'" 1 
ATOM   95  C  "C1'" . G   A 1 5  ? -5.540  -1.918  -3.120  1.00 22.10 ? 5  G   A "C1'" 1 
ATOM   96  N  N9    . G   A 1 5  ? -5.309  -2.198  -1.709  1.00 20.89 ? 5  G   A N9    1 
ATOM   97  C  C8    . G   A 1 5  ? -4.504  -3.183  -1.183  1.00 19.02 ? 5  G   A C8    1 
ATOM   98  N  N7    . G   A 1 5  ? -4.482  -3.178  0.120   1.00 18.30 ? 5  G   A N7    1 
ATOM   99  C  C5    . G   A 1 5  ? -5.326  -2.128  0.473   1.00 14.38 ? 5  G   A C5    1 
ATOM   100 C  C6    . G   A 1 5  ? -5.695  -1.629  1.756   1.00 14.55 ? 5  G   A C6    1 
ATOM   101 O  O6    . G   A 1 5  ? -5.349  -2.031  2.868   1.00 14.73 ? 5  G   A O6    1 
ATOM   102 N  N1    . G   A 1 5  ? -6.567  -0.556  1.652   1.00 12.18 ? 5  G   A N1    1 
ATOM   103 C  C2    . G   A 1 5  ? -7.046  -0.044  0.484   1.00 13.12 ? 5  G   A C2    1 
ATOM   104 N  N2    . G   A 1 5  ? -7.912  0.969   0.603   1.00 16.34 ? 5  G   A N2    1 
ATOM   105 N  N3    . G   A 1 5  ? -6.712  -0.493  -0.712  1.00 15.72 ? 5  G   A N3    1 
ATOM   106 C  C4    . G   A 1 5  ? -5.851  -1.527  -0.642  1.00 15.43 ? 5  G   A C4    1 
ATOM   107 P  P     . A   A 1 6  ? -1.160  -1.730  -5.287  1.00 27.34 ? 6  A   A P     1 
ATOM   108 O  OP1   . A   A 1 6  ? -0.681  -2.951  -6.005  1.00 26.87 ? 6  A   A OP1   1 
ATOM   109 O  OP2   . A   A 1 6  ? -0.832  -1.553  -3.869  1.00 28.92 ? 6  A   A OP2   1 
ATOM   110 O  "O5'" . A   A 1 6  ? -0.735  -0.387  -6.045  1.00 25.01 ? 6  A   A "O5'" 1 
ATOM   111 C  "C5'" . A   A 1 6  ? -0.324  -0.424  -7.397  1.00 18.86 ? 6  A   A "C5'" 1 
ATOM   112 C  "C4'" . A   A 1 6  ? -0.798  0.800   -8.142  1.00 19.54 ? 6  A   A "C4'" 1 
ATOM   113 O  "O4'" . A   A 1 6  ? -2.208  1.032   -7.897  1.00 18.52 ? 6  A   A "O4'" 1 
ATOM   114 C  "C3'" . A   A 1 6  ? -0.202  2.149   -7.791  1.00 18.52 ? 6  A   A "C3'" 1 
ATOM   115 O  "O3'" . A   A 1 6  ? 1.090   2.298   -8.373  1.00 22.89 ? 6  A   A "O3'" 1 
ATOM   116 C  "C2'" . A   A 1 6  ? -1.185  3.084   -8.492  1.00 17.00 ? 6  A   A "C2'" 1 
ATOM   117 O  "O2'" . A   A 1 6  ? -0.972  3.204   -9.882  1.00 16.08 ? 6  A   A "O2'" 1 
ATOM   118 C  "C1'" . A   A 1 6  ? -2.512  2.355   -8.288  1.00 17.16 ? 6  A   A "C1'" 1 
ATOM   119 N  N9    . A   A 1 6  ? -3.284  3.019   -7.256  1.00 17.13 ? 6  A   A N9    1 
ATOM   120 C  C8    . A   A 1 6  ? -3.417  2.730   -5.930  1.00 17.21 ? 6  A   A C8    1 
ATOM   121 N  N7    . A   A 1 6  ? -4.135  3.605   -5.272  1.00 20.31 ? 6  A   A N7    1 
ATOM   122 C  C5    . A   A 1 6  ? -4.519  4.519   -6.239  1.00 18.62 ? 6  A   A C5    1 
ATOM   123 C  C6    . A   A 1 6  ? -5.293  5.692   -6.185  1.00 22.34 ? 6  A   A C6    1 
ATOM   124 N  N6    . A   A 1 6  ? -5.843  6.170   -5.061  1.00 21.85 ? 6  A   A N6    1 
ATOM   125 N  N1    . A   A 1 6  ? -5.488  6.372   -7.344  1.00 24.61 ? 6  A   A N1    1 
ATOM   126 C  C2    . A   A 1 6  ? -4.940  5.890   -8.468  1.00 21.81 ? 6  A   A C2    1 
ATOM   127 N  N3    . A   A 1 6  ? -4.193  4.799   -8.639  1.00 20.74 ? 6  A   A N3    1 
ATOM   128 C  C4    . A   A 1 6  ? -4.016  4.157   -7.471  1.00 19.54 ? 6  A   A C4    1 
ATOM   129 P  P     . A   A 1 7  ? 2.194   3.227   -7.661  1.00 21.40 ? 7  A   A P     1 
ATOM   130 O  OP1   . A   A 1 7  ? 3.247   3.505   -8.665  1.00 21.95 ? 7  A   A OP1   1 
ATOM   131 O  OP2   . A   A 1 7  ? 2.561   2.556   -6.406  1.00 25.68 ? 7  A   A OP2   1 
ATOM   132 O  "O5'" . A   A 1 7  ? 1.409   4.574   -7.345  1.00 19.37 ? 7  A   A "O5'" 1 
ATOM   133 C  "C5'" . A   A 1 7  ? 1.133   5.492   -8.393  1.00 21.07 ? 7  A   A "C5'" 1 
ATOM   134 C  "C4'" . A   A 1 7  ? 0.274   6.622   -7.896  1.00 19.54 ? 7  A   A "C4'" 1 
ATOM   135 O  "O4'" . A   A 1 7  ? -0.934  6.066   -7.332  1.00 19.81 ? 7  A   A "O4'" 1 
ATOM   136 C  "C3'" . A   A 1 7  ? 0.845   7.451   -6.766  1.00 19.82 ? 7  A   A "C3'" 1 
ATOM   137 O  "O3'" . A   A 1 7  ? 1.689   8.457   -7.283  1.00 21.55 ? 7  A   A "O3'" 1 
ATOM   138 C  "C2'" . A   A 1 7  ? -0.413  8.057   -6.166  1.00 18.91 ? 7  A   A "C2'" 1 
ATOM   139 O  "O2'" . A   A 1 7  ? -0.892  9.146   -6.914  1.00 18.94 ? 7  A   A "O2'" 1 
ATOM   140 C  "C1'" . A   A 1 7  ? -1.377  6.877   -6.264  1.00 17.83 ? 7  A   A "C1'" 1 
ATOM   141 N  N9    . A   A 1 7  ? -1.319  6.068   -5.063  1.00 13.96 ? 7  A   A N9    1 
ATOM   142 C  C8    . A   A 1 7  ? -0.749  4.842   -4.894  1.00 13.90 ? 7  A   A C8    1 
ATOM   143 N  N7    . A   A 1 7  ? -0.815  4.399   -3.668  1.00 14.62 ? 7  A   A N7    1 
ATOM   144 C  C5    . A   A 1 7  ? -1.492  5.401   -2.990  1.00 15.00 ? 7  A   A C5    1 
ATOM   145 C  C6    . A   A 1 7  ? -1.882  5.549   -1.647  1.00 16.24 ? 7  A   A C6    1 
ATOM   146 N  N6    . A   A 1 7  ? -1.625  4.654   -0.686  1.00 11.15 ? 7  A   A N6    1 
ATOM   147 N  N1    . A   A 1 7  ? -2.547  6.676   -1.312  1.00 17.70 ? 7  A   A N1    1 
ATOM   148 C  C2    . A   A 1 7  ? -2.783  7.585   -2.255  1.00 17.12 ? 7  A   A C2    1 
ATOM   149 N  N3    . A   A 1 7  ? -2.460  7.562   -3.543  1.00 18.14 ? 7  A   A N3    1 
ATOM   150 C  C4    . A   A 1 7  ? -1.812  6.428   -3.844  1.00 14.68 ? 7  A   A C4    1 
ATOM   151 P  P     . A   A 1 8  ? 2.991   8.907   -6.465  1.00 23.35 ? 8  A   A P     1 
ATOM   152 O  OP1   . A   A 1 8  ? 3.590   10.006  -7.264  1.00 22.83 ? 8  A   A OP1   1 
ATOM   153 O  OP2   . A   A 1 8  ? 3.841   7.729   -6.044  1.00 20.78 ? 8  A   A OP2   1 
ATOM   154 O  "O5'" . A   A 1 8  ? 2.371   9.581   -5.175  1.00 26.36 ? 8  A   A "O5'" 1 
ATOM   155 C  "C5'" . A   A 1 8  ? 1.579   10.755  -5.278  1.00 28.41 ? 8  A   A "C5'" 1 
ATOM   156 C  "C4'" . A   A 1 8  ? 1.127   11.167  -3.903  1.00 27.78 ? 8  A   A "C4'" 1 
ATOM   157 O  "O4'" . A   A 1 8  ? 0.295   10.110  -3.355  1.00 27.11 ? 8  A   A "O4'" 1 
ATOM   158 C  "C3'" . A   A 1 8  ? 2.265   11.278  -2.901  1.00 29.28 ? 8  A   A "C3'" 1 
ATOM   159 O  "O3'" . A   A 1 8  ? 2.924   12.537  -2.982  1.00 27.11 ? 8  A   A "O3'" 1 
ATOM   160 C  "C2'" . A   A 1 8  ? 1.547   11.061  -1.574  1.00 29.93 ? 8  A   A "C2'" 1 
ATOM   161 O  "O2'" . A   A 1 8  ? 0.846   12.192  -1.107  1.00 32.80 ? 8  A   A "O2'" 1 
ATOM   162 C  "C1'" . A   A 1 8  ? 0.514   10.007  -1.958  1.00 27.65 ? 8  A   A "C1'" 1 
ATOM   163 N  N9    . A   A 1 8  ? 0.903   8.635   -1.622  1.00 24.36 ? 8  A   A N9    1 
ATOM   164 C  C8    . A   A 1 8  ? 1.383   7.644   -2.437  1.00 21.66 ? 8  A   A C8    1 
ATOM   165 N  N7    . A   A 1 8  ? 1.566   6.499   -1.819  1.00 21.00 ? 8  A   A N7    1 
ATOM   166 C  C5    . A   A 1 8  ? 1.199   6.761   -0.507  1.00 19.18 ? 8  A   A C5    1 
ATOM   167 C  C6    . A   A 1 8  ? 1.147   5.959   0.642   1.00 19.17 ? 8  A   A C6    1 
ATOM   168 N  N6    . A   A 1 8  ? 1.477   4.674   0.668   1.00 19.34 ? 8  A   A N6    1 
ATOM   169 N  N1    . A   A 1 8  ? 0.731   6.531   1.787   1.00 19.24 ? 8  A   A N1    1 
ATOM   170 C  C2    . A   A 1 8  ? 0.393   7.819   1.771   1.00 18.44 ? 8  A   A C2    1 
ATOM   171 N  N3    . A   A 1 8  ? 0.394   8.675   0.761   1.00 19.02 ? 8  A   A N3    1 
ATOM   172 C  C4    . A   A 1 8  ? 0.809   8.077   -0.367  1.00 20.71 ? 8  A   A C4    1 
ATOM   173 P  P     . G   A 1 9  ? 4.520   12.585  -3.097  1.00 26.87 ? 9  G   A P     1 
ATOM   174 O  OP1   . G   A 1 9  ? 4.969   13.977  -2.843  1.00 33.39 ? 9  G   A OP1   1 
ATOM   175 O  OP2   . G   A 1 9  ? 4.949   11.892  -4.326  1.00 30.04 ? 9  G   A OP2   1 
ATOM   176 O  "O5'" . G   A 1 9  ? 5.023   11.705  -1.876  1.00 29.08 ? 9  G   A "O5'" 1 
ATOM   177 C  "C5'" . G   A 1 9  ? 4.619   11.997  -0.555  1.00 23.83 ? 9  G   A "C5'" 1 
ATOM   178 C  "C4'" . G   A 1 9  ? 4.863   10.808  0.330   1.00 24.44 ? 9  G   A "C4'" 1 
ATOM   179 O  "O4'" . G   A 1 9  ? 4.080   9.679   -0.134  1.00 24.76 ? 9  G   A "O4'" 1 
ATOM   180 C  "C3'" . G   A 1 9  ? 6.260   10.220  0.313   1.00 25.88 ? 9  G   A "C3'" 1 
ATOM   181 O  "O3'" . G   A 1 9  ? 7.175   11.029  1.044   1.00 32.03 ? 9  G   A "O3'" 1 
ATOM   182 C  "C2'" . G   A 1 9  ? 6.001   8.884   0.982   1.00 24.68 ? 9  G   A "C2'" 1 
ATOM   183 O  "O2'" . G   A 1 9  ? 5.747   9.083   2.363   1.00 23.73 ? 9  G   A "O2'" 1 
ATOM   184 C  "C1'" . G   A 1 9  ? 4.694   8.476   0.302   1.00 23.32 ? 9  G   A "C1'" 1 
ATOM   185 N  N9    . G   A 1 9  ? 4.866   7.575   -0.838  1.00 20.92 ? 9  G   A N9    1 
ATOM   186 C  C8    . G   A 1 9  ? 4.940   7.891   -2.174  1.00 18.81 ? 9  G   A C8    1 
ATOM   187 N  N7    . G   A 1 9  ? 5.132   6.846   -2.952  1.00 22.74 ? 9  G   A N7    1 
ATOM   188 C  C5    . G   A 1 9  ? 5.171   5.775   -2.059  1.00 22.32 ? 9  G   A C5    1 
ATOM   189 C  C6    . G   A 1 9  ? 5.364   4.373   -2.282  1.00 23.99 ? 9  G   A C6    1 
ATOM   190 O  O6    . G   A 1 9  ? 5.535   3.774   -3.352  1.00 25.79 ? 9  G   A O6    1 
ATOM   191 N  N1    . G   A 1 9  ? 5.341   3.654   -1.084  1.00 21.89 ? 9  G   A N1    1 
ATOM   192 C  C2    . G   A 1 9  ? 5.144   4.207   0.164   1.00 22.01 ? 9  G   A C2    1 
ATOM   193 N  N2    . G   A 1 9  ? 5.132   3.366   1.199   1.00 22.66 ? 9  G   A N2    1 
ATOM   194 N  N3    . G   A 1 9  ? 4.968   5.492   0.383   1.00 20.39 ? 9  G   A N3    1 
ATOM   195 C  C4    . G   A 1 9  ? 4.999   6.213   -0.757  1.00 22.06 ? 9  G   A C4    1 
ATOM   196 P  P     . G   A 1 10 ? 8.758   10.847  0.819   1.00 31.90 ? 10 G   A P     1 
ATOM   197 O  OP1   . G   A 1 10 ? 9.446   11.945  1.546   1.00 34.82 ? 10 G   A OP1   1 
ATOM   198 O  OP2   . G   A 1 10 ? 9.054   10.620  -0.619  1.00 33.60 ? 10 G   A OP2   1 
ATOM   199 O  "O5'" . G   A 1 10 ? 9.030   9.503   1.612   1.00 33.66 ? 10 G   A "O5'" 1 
ATOM   200 C  "C5'" . G   A 1 10 ? 9.955   8.539   1.150   1.00 30.41 ? 10 G   A "C5'" 1 
ATOM   201 C  "C4'" . G   A 1 10 ? 9.640   7.218   1.786   1.00 27.72 ? 10 G   A "C4'" 1 
ATOM   202 O  "O4'" . G   A 1 10 ? 8.477   6.640   1.150   1.00 26.93 ? 10 G   A "O4'" 1 
ATOM   203 C  "C3'" . G   A 1 10 ? 10.715  6.170   1.651   1.00 27.42 ? 10 G   A "C3'" 1 
ATOM   204 O  "O3'" . G   A 1 10 ? 11.626  6.376   2.725   1.00 31.00 ? 10 G   A "O3'" 1 
ATOM   205 C  "C2'" . G   A 1 10 ? 9.919   4.890   1.842   1.00 27.07 ? 10 G   A "C2'" 1 
ATOM   206 O  "O2'" . G   A 1 10 ? 9.641   4.654   3.200   1.00 26.72 ? 10 G   A "O2'" 1 
ATOM   207 C  "C1'" . G   A 1 10 ? 8.611   5.235   1.124   1.00 26.96 ? 10 G   A "C1'" 1 
ATOM   208 N  N9    . G   A 1 10 ? 8.580   4.800   -0.269  1.00 25.33 ? 10 G   A N9    1 
ATOM   209 C  C8    . G   A 1 10 ? 8.430   5.592   -1.376  1.00 22.09 ? 10 G   A C8    1 
ATOM   210 N  N7    . G   A 1 10 ? 8.444   4.917   -2.491  1.00 24.57 ? 10 G   A N7    1 
ATOM   211 C  C5    . G   A 1 10 ? 8.611   3.599   -2.094  1.00 24.10 ? 10 G   A C5    1 
ATOM   212 C  C6    . G   A 1 10 ? 8.703   2.418   -2.862  1.00 24.97 ? 10 G   A C6    1 
ATOM   213 O  O6    . G   A 1 10 ? 8.633   2.294   -4.078  1.00 26.11 ? 10 G   A O6    1 
ATOM   214 N  N1    . G   A 1 10 ? 8.889   1.293   -2.062  1.00 24.50 ? 10 G   A N1    1 
ATOM   215 C  C2    . G   A 1 10 ? 8.959   1.306   -0.697  1.00 22.92 ? 10 G   A C2    1 
ATOM   216 N  N2    . G   A 1 10 ? 9.135   0.119   -0.104  1.00 22.94 ? 10 G   A N2    1 
ATOM   217 N  N3    . G   A 1 10 ? 8.863   2.404   0.035   1.00 22.83 ? 10 G   A N3    1 
ATOM   218 C  C4    . G   A 1 10 ? 8.697   3.508   -0.727  1.00 23.48 ? 10 G   A C4    1 
ATOM   219 P  P     . C   A 1 11 ? 13.204  6.225   2.480   1.00 31.24 ? 11 C   A P     1 
ATOM   220 O  OP1   . C   A 1 11 ? 13.907  6.807   3.654   1.00 32.49 ? 11 C   A OP1   1 
ATOM   221 O  OP2   . C   A 1 11 ? 13.491  6.738   1.118   1.00 33.55 ? 11 C   A OP2   1 
ATOM   222 O  "O5'" . C   A 1 11 ? 13.441  4.651   2.488   1.00 29.27 ? 11 C   A "O5'" 1 
ATOM   223 C  "C5'" . C   A 1 11 ? 13.390  3.922   3.698   1.00 24.62 ? 11 C   A "C5'" 1 
ATOM   224 C  "C4'" . C   A 1 11 ? 13.407  2.451   3.402   1.00 24.53 ? 11 C   A "C4'" 1 
ATOM   225 O  "O4'" . C   A 1 11 ? 12.277  2.152   2.560   1.00 20.79 ? 11 C   A "O4'" 1 
ATOM   226 C  "C3'" . C   A 1 11 ? 14.599  1.932   2.609   1.00 26.65 ? 11 C   A "C3'" 1 
ATOM   227 O  "O3'" . C   A 1 11 ? 15.676  1.602   3.476   1.00 32.83 ? 11 C   A "O3'" 1 
ATOM   228 C  "C2'" . C   A 1 11 ? 14.035  0.654   2.033   1.00 24.08 ? 11 C   A "C2'" 1 
ATOM   229 O  "O2'" . C   A 1 11 ? 13.977  -0.348  3.020   1.00 27.54 ? 11 C   A "O2'" 1 
ATOM   230 C  "C1'" . C   A 1 11 ? 12.619  1.099   1.682   1.00 22.63 ? 11 C   A "C1'" 1 
ATOM   231 N  N1    . C   A 1 11 ? 12.502  1.589   0.307   1.00 19.69 ? 11 C   A N1    1 
ATOM   232 C  C2    . C   A 1 11 ? 12.495  0.668   -0.734  1.00 19.50 ? 11 C   A C2    1 
ATOM   233 O  O2    . C   A 1 11 ? 12.677  -0.524  -0.478  1.00 20.45 ? 11 C   A O2    1 
ATOM   234 N  N3    . C   A 1 11 ? 12.302  1.097   -1.995  1.00 22.29 ? 11 C   A N3    1 
ATOM   235 C  C4    . C   A 1 11 ? 12.150  2.397   -2.235  1.00 21.06 ? 11 C   A C4    1 
ATOM   236 N  N4    . C   A 1 11 ? 11.931  2.778   -3.495  1.00 23.01 ? 11 C   A N4    1 
ATOM   237 C  C5    . C   A 1 11 ? 12.209  3.365   -1.194  1.00 21.07 ? 11 C   A C5    1 
ATOM   238 C  C6    . C   A 1 11 ? 12.384  2.922   0.049   1.00 19.45 ? 11 C   A C6    1 
ATOM   239 P  P     . C   A 1 12 ? 17.196  1.812   2.996   1.00 34.10 ? 12 C   A P     1 
ATOM   240 O  OP1   . C   A 1 12 ? 17.970  1.722   4.256   1.00 37.79 ? 12 C   A OP1   1 
ATOM   241 O  OP2   . C   A 1 12 ? 17.287  3.043   2.164   1.00 34.30 ? 12 C   A OP2   1 
ATOM   242 O  "O5'" . C   A 1 12 ? 17.507  0.535   2.093   1.00 30.68 ? 12 C   A "O5'" 1 
ATOM   243 C  "C5'" . C   A 1 12 ? 17.266  -0.774  2.586   1.00 28.74 ? 12 C   A "C5'" 1 
ATOM   244 C  "C4'" . C   A 1 12 ? 17.322  -1.767  1.460   1.00 31.14 ? 12 C   A "C4'" 1 
ATOM   245 O  "O4'" . C   A 1 12 ? 16.209  -1.552  0.566   1.00 31.22 ? 12 C   A "O4'" 1 
ATOM   246 C  "C3'" . C   A 1 12 ? 18.535  -1.649  0.558   1.00 32.64 ? 12 C   A "C3'" 1 
ATOM   247 O  "O3'" . C   A 1 12 ? 19.629  -2.347  1.137   1.00 36.95 ? 12 C   A "O3'" 1 
ATOM   248 C  "C2'" . C   A 1 12 ? 18.055  -2.329  -0.716  1.00 31.74 ? 12 C   A "C2'" 1 
ATOM   249 O  "O2'" . C   A 1 12 ? 18.168  -3.741  -0.633  1.00 30.97 ? 12 C   A "O2'" 1 
ATOM   250 C  "C1'" . C   A 1 12 ? 16.584  -1.909  -0.750  1.00 27.88 ? 12 C   A "C1'" 1 
ATOM   251 N  N1    . C   A 1 12 ? 16.290  -0.767  -1.614  1.00 25.31 ? 12 C   A N1    1 
ATOM   252 C  C2    . C   A 1 12 ? 16.005  -0.996  -2.966  1.00 25.70 ? 12 C   A C2    1 
ATOM   253 O  O2    . C   A 1 12 ? 16.120  -2.139  -3.415  1.00 26.57 ? 12 C   A O2    1 
ATOM   254 N  N3    . C   A 1 12 ? 15.628  0.039   -3.749  1.00 23.98 ? 12 C   A N3    1 
ATOM   255 C  C4    . C   A 1 12 ? 15.556  1.268   -3.233  1.00 23.46 ? 12 C   A C4    1 
ATOM   256 N  N4    . C   A 1 12 ? 15.127  2.260   -4.032  1.00 20.35 ? 12 C   A N4    1 
ATOM   257 C  C5    . C   A 1 12 ? 15.904  1.538   -1.873  1.00 22.41 ? 12 C   A C5    1 
ATOM   258 C  C6    . C   A 1 12 ? 16.260  0.500   -1.107  1.00 21.27 ? 12 C   A C6    1 
HETATM 259 MN MN    . MN  B 2 .  ? 5.725   7.265   -5.125  1.00 30.78 ? 13 MN  A MN    1 
HETATM 260 O  O     . HOH C 3 .  ? -3.545  2.401   -0.126  1.00 41.11 ? 14 HOH A O     1 
HETATM 261 O  O     . HOH C 3 .  ? -2.868  -3.438  2.573   1.00 19.24 ? 15 HOH A O     1 
HETATM 262 O  O     . HOH C 3 .  ? -1.186  5.974   -10.886 1.00 27.75 ? 16 HOH A O     1 
HETATM 263 O  O     . HOH C 3 .  ? -6.821  0.814   -6.143  1.00 64.27 ? 17 HOH A O     1 
HETATM 264 O  O     . HOH C 3 .  ? -15.823 -4.678  8.172   1.00 37.95 ? 18 HOH A O     1 
HETATM 265 O  O     . HOH C 3 .  ? 3.554   -3.183  -4.328  1.00 45.31 ? 19 HOH A O     1 
HETATM 266 O  O     . HOH C 3 .  ? 9.596   -0.587  2.897   1.00 29.71 ? 20 HOH A O     1 
HETATM 267 O  O     . HOH C 3 .  ? 2.224   -3.779  -1.548  1.00 28.62 ? 21 HOH A O     1 
HETATM 268 O  O     . HOH C 3 .  ? -1.073  0.473   -2.733  1.00 37.31 ? 22 HOH A O     1 
HETATM 269 O  O     . HOH C 3 .  ? -3.141  9.557   -5.235  1.00 29.44 ? 23 HOH A O     1 
HETATM 270 O  O     . HOH C 3 .  ? 4.774   9.100   -4.327  1.00 67.96 ? 24 HOH A O     1 
HETATM 271 O  O     . HOH C 3 .  ? -4.370  0.694   -1.963  1.00 83.58 ? 25 HOH A O     1 
HETATM 272 O  O     . HOH C 3 .  ? -12.415 -5.734  7.366   1.00 53.95 ? 26 HOH A O     1 
HETATM 273 O  O     . HOH C 3 .  ? 7.171   9.725   -4.170  1.00 56.02 ? 27 HOH A O     1 
HETATM 274 O  O     . HOH C 3 .  ? 6.231   3.486   -7.288  1.00 54.39 ? 28 HOH A O     1 
HETATM 275 O  O     . HOH C 3 .  ? 4.857   5.372   -5.234  1.00 28.58 ? 29 HOH A O     1 
HETATM 276 O  O     . HOH C 3 .  ? 0.869   -5.051  -4.716  1.00 52.15 ? 30 HOH A O     1 
HETATM 277 O  O     . HOH C 3 .  ? 5.888   9.571   -8.849  1.00 51.30 ? 31 HOH A O     1 
# 
